data_6ISV
#
_entry.id   6ISV
#
_cell.length_a   104.751
_cell.length_b   104.751
_cell.length_c   273.064
_cell.angle_alpha   90.00
_cell.angle_beta   90.00
_cell.angle_gamma   120.00
#
_symmetry.space_group_name_H-M   'P 65 2 2'
#
loop_
_entity.id
_entity.type
_entity.pdbx_description
1 polymer 'Acetophenone reductase'
2 non-polymer NICOTINAMIDE-ADENINE-DINUCLEOTIDE
3 non-polymer 'ZINC ION'
4 water water
#
_entity_poly.entity_id   1
_entity_poly.type   'polypeptide(L)'
_entity_poly.pdbx_seq_one_letter_code
;MGKVPETHKGYVFTSGSSRLTLKDVPTYKPGPGEVLLKLEASGVCHSDLHILQGSFPIPSNSVLGHEITGTVVAYGLGVD
PKTYPEGQLYAAHGPNPCGSCRECRSGKDNLCHAENRTNYGLGYPGGYQQYTLAKVHNLIKVPDGVGAAIAAVTTDAVLT
PYHAFKKADINGLSKILIIGLGGLGINAVQIAKAMGAHVTAYDLKESSRQLARQFGADVVLESLTLDDASKEYDFVADIV
SIQSTFDLALKQVKSNGLVIPLGLGSPKLTFDQNDLLVREIRILGSFWGTSLDQAEVFDLVKSGAFKPQVETGKFKDLNE
ILEKLEKGQIKSRLVLTDFDDIMASMTGGQQMGRDPNSSSVDKLAAALEHHHHHH
;
_entity_poly.pdbx_strand_id   A,B
#
# COMPACT_ATOMS: atom_id res chain seq x y z
N LYS A 3 21.21 29.30 11.21
CA LYS A 3 21.79 28.28 12.07
C LYS A 3 20.69 27.56 12.86
N VAL A 4 20.95 26.31 13.21
CA VAL A 4 20.01 25.48 13.95
C VAL A 4 20.41 25.48 15.43
N PRO A 5 19.57 26.00 16.33
CA PRO A 5 19.90 25.93 17.75
C PRO A 5 20.08 24.50 18.22
N GLU A 6 20.68 24.36 19.42
CA GLU A 6 20.89 23.05 20.03
C GLU A 6 19.80 22.68 21.02
N THR A 7 19.05 23.65 21.52
CA THR A 7 17.77 23.38 22.16
C THR A 7 16.75 24.37 21.60
N HIS A 8 15.49 23.96 21.63
CA HIS A 8 14.38 24.77 21.17
C HIS A 8 13.29 24.73 22.24
N LYS A 9 12.26 25.55 22.07
CA LYS A 9 11.19 25.57 23.06
C LYS A 9 10.11 24.59 22.65
N GLY A 10 9.65 23.78 23.60
CA GLY A 10 8.63 22.79 23.32
C GLY A 10 7.64 22.68 24.47
N TYR A 11 6.51 22.04 24.17
CA TYR A 11 5.48 21.76 25.15
C TYR A 11 5.52 20.28 25.47
N VAL A 12 5.78 19.93 26.73
CA VAL A 12 5.89 18.55 27.15
C VAL A 12 4.67 18.20 27.98
N PHE A 13 3.98 17.15 27.54
CA PHE A 13 3.05 16.45 28.41
C PHE A 13 3.86 15.58 29.36
N THR A 14 3.66 15.78 30.65
CA THR A 14 4.17 14.86 31.65
C THR A 14 2.97 14.07 32.18
N SER A 15 3.17 12.78 32.40
CA SER A 15 2.06 11.91 32.78
C SER A 15 1.60 12.25 34.19
N GLY A 16 0.36 12.70 34.32
CA GLY A 16 -0.23 13.07 35.60
C GLY A 16 -0.72 14.50 35.67
N SER A 17 -0.32 15.36 34.73
CA SER A 17 -0.79 16.74 34.67
C SER A 17 -1.83 16.87 33.57
N SER A 18 -2.93 17.55 33.89
CA SER A 18 -3.93 17.95 32.91
C SER A 18 -3.46 19.14 32.09
N ARG A 19 -2.18 19.49 32.26
CA ARG A 19 -1.58 20.65 31.60
C ARG A 19 -0.20 20.28 31.06
N LEU A 20 0.05 20.60 29.80
CA LEU A 20 1.39 20.51 29.23
C LEU A 20 2.21 21.69 29.74
N THR A 21 3.50 21.46 29.95
CA THR A 21 4.42 22.47 30.48
C THR A 21 5.46 22.83 29.42
N LEU A 22 5.75 24.11 29.29
CA LEU A 22 6.66 24.59 28.25
C LEU A 22 8.09 24.64 28.79
N LYS A 23 9.01 23.93 28.14
CA LYS A 23 10.41 23.93 28.55
C LYS A 23 11.32 24.07 27.33
N ASP A 24 12.62 24.04 27.59
CA ASP A 24 13.59 23.86 26.54
C ASP A 24 13.85 22.37 26.37
N VAL A 25 13.90 21.94 25.12
CA VAL A 25 13.93 20.53 24.76
C VAL A 25 15.00 20.41 23.68
N PRO A 26 15.81 19.34 23.67
CA PRO A 26 16.97 19.31 22.77
C PRO A 26 16.56 19.23 21.31
N THR A 27 17.22 20.04 20.48
CA THR A 27 17.01 20.02 19.03
C THR A 27 17.66 18.76 18.47
N TYR A 28 16.83 17.76 18.15
CA TYR A 28 17.32 16.44 17.78
C TYR A 28 18.06 16.48 16.45
N LYS A 29 19.03 15.56 16.31
CA LYS A 29 19.88 15.50 15.12
C LYS A 29 19.20 14.65 14.05
N PRO A 30 19.12 15.14 12.80
CA PRO A 30 18.41 14.40 11.74
C PRO A 30 19.16 13.14 11.36
N GLY A 31 18.55 11.99 11.63
CA GLY A 31 19.15 10.71 11.32
C GLY A 31 19.02 10.36 9.85
N PRO A 32 19.29 9.10 9.51
CA PRO A 32 19.29 8.72 8.09
C PRO A 32 17.89 8.78 7.50
N GLY A 33 17.79 9.40 6.32
CA GLY A 33 16.50 9.62 5.68
C GLY A 33 15.61 10.64 6.36
N GLU A 34 16.11 11.31 7.40
CA GLU A 34 15.34 12.26 8.17
C GLU A 34 15.77 13.68 7.82
N VAL A 35 14.88 14.61 8.15
CA VAL A 35 15.14 16.03 8.01
C VAL A 35 14.64 16.70 9.30
N LEU A 36 15.35 17.76 9.72
CA LEU A 36 14.86 18.60 10.81
C LEU A 36 14.13 19.80 10.23
N LEU A 37 12.85 19.93 10.61
CA LEU A 37 11.95 21.00 10.19
C LEU A 37 11.78 22.02 11.31
N LYS A 38 11.75 23.30 10.94
CA LYS A 38 11.25 24.33 11.84
C LYS A 38 9.74 24.43 11.67
N LEU A 39 9.02 24.35 12.78
CA LEU A 39 7.58 24.31 12.72
C LEU A 39 7.02 25.63 12.18
N GLU A 40 6.13 25.54 11.19
CA GLU A 40 5.45 26.72 10.66
C GLU A 40 3.97 26.79 11.04
N ALA A 41 3.30 25.65 11.16
CA ALA A 41 1.95 25.66 11.70
C ALA A 41 1.68 24.30 12.35
N SER A 42 1.14 24.35 13.57
CA SER A 42 0.85 23.16 14.38
C SER A 42 -0.62 23.19 14.76
N GLY A 43 -1.42 22.36 14.09
CA GLY A 43 -2.84 22.29 14.39
C GLY A 43 -3.10 21.72 15.77
N VAL A 44 -4.20 22.15 16.37
CA VAL A 44 -4.58 21.76 17.72
C VAL A 44 -5.77 20.81 17.62
N CYS A 45 -5.58 19.58 18.07
CA CYS A 45 -6.54 18.50 17.94
C CYS A 45 -7.11 18.10 19.30
N HIS A 46 -8.42 17.80 19.33
CA HIS A 46 -9.12 17.48 20.59
C HIS A 46 -8.54 16.23 21.22
N SER A 47 -8.03 15.30 20.40
CA SER A 47 -7.29 14.17 20.95
C SER A 47 -6.25 14.59 21.96
N ASP A 48 -5.74 15.83 21.85
CA ASP A 48 -4.74 16.30 22.80
C ASP A 48 -5.38 16.58 24.16
N LEU A 49 -6.62 17.08 24.18
CA LEU A 49 -7.35 17.14 25.44
C LEU A 49 -7.62 15.75 25.99
N HIS A 50 -7.84 14.76 25.12
CA HIS A 50 -7.97 13.40 25.66
C HIS A 50 -6.65 12.88 26.22
N ILE A 51 -5.52 13.27 25.63
CA ILE A 51 -4.21 12.90 26.16
C ILE A 51 -4.01 13.54 27.53
N LEU A 52 -4.30 14.85 27.63
CA LEU A 52 -4.08 15.58 28.87
C LEU A 52 -5.04 15.12 29.96
N GLN A 53 -6.34 14.99 29.64
CA GLN A 53 -7.32 14.54 30.61
C GLN A 53 -7.23 13.05 30.90
N GLY A 54 -6.36 12.32 30.21
CA GLY A 54 -5.98 10.99 30.62
C GLY A 54 -6.77 9.83 30.03
N SER A 55 -7.74 10.07 29.15
CA SER A 55 -8.49 8.96 28.57
C SER A 55 -7.74 8.25 27.44
N PHE A 56 -6.73 8.88 26.87
CA PHE A 56 -5.90 8.25 25.85
C PHE A 56 -4.46 8.31 26.33
N PRO A 57 -3.77 7.18 26.50
CA PRO A 57 -2.42 7.21 27.09
C PRO A 57 -1.29 7.24 26.07
N ILE A 58 -0.44 8.27 26.19
CA ILE A 58 0.82 8.40 25.47
C ILE A 58 1.92 8.36 26.52
N PRO A 59 3.09 7.81 26.23
CA PRO A 59 4.21 7.91 27.19
C PRO A 59 4.47 9.37 27.58
N SER A 60 5.01 9.55 28.78
CA SER A 60 5.29 10.90 29.28
C SER A 60 6.60 11.41 28.70
N ASN A 61 7.02 12.60 29.16
CA ASN A 61 8.19 13.32 28.62
C ASN A 61 8.08 13.48 27.11
N SER A 62 6.88 13.85 26.64
CA SER A 62 6.56 13.87 25.21
C SER A 62 5.99 15.21 24.78
N VAL A 63 6.18 15.52 23.49
CA VAL A 63 5.64 16.70 22.85
C VAL A 63 4.50 16.24 21.93
N LEU A 64 3.34 16.95 21.99
CA LEU A 64 2.05 16.36 21.67
C LEU A 64 1.40 16.81 20.36
N GLY A 65 1.95 17.78 19.64
CA GLY A 65 1.29 18.23 18.42
C GLY A 65 1.44 17.22 17.29
N HIS A 66 0.38 17.09 16.48
CA HIS A 66 0.47 16.11 15.40
C HIS A 66 -0.16 16.60 14.11
N GLU A 67 -0.50 17.89 14.00
CA GLU A 67 -0.88 18.50 12.73
C GLU A 67 0.28 19.41 12.31
N ILE A 68 1.22 18.86 11.53
CA ILE A 68 2.60 19.36 11.40
C ILE A 68 2.83 19.97 10.02
N THR A 69 3.24 21.25 9.96
CA THR A 69 3.79 21.77 8.71
C THR A 69 4.97 22.66 8.99
N GLY A 70 5.99 22.56 8.14
CA GLY A 70 7.20 23.34 8.36
C GLY A 70 8.12 23.32 7.16
N THR A 71 9.34 23.79 7.39
CA THR A 71 10.33 24.02 6.34
C THR A 71 11.60 23.26 6.67
N VAL A 72 12.17 22.58 5.67
CA VAL A 72 13.42 21.87 5.86
C VAL A 72 14.48 22.85 6.31
N VAL A 73 15.27 22.46 7.33
CA VAL A 73 16.28 23.36 7.87
C VAL A 73 17.55 22.59 8.28
N ALA A 74 17.49 21.26 8.31
CA ALA A 74 18.74 20.49 8.36
C ALA A 74 18.56 19.10 7.77
N TYR A 75 19.60 18.62 7.08
CA TYR A 75 19.54 17.37 6.33
C TYR A 75 20.31 16.27 7.04
N GLY A 76 19.71 15.07 7.10
CA GLY A 76 20.39 13.90 7.61
C GLY A 76 20.99 13.08 6.48
N LEU A 77 21.78 12.07 6.87
CA LEU A 77 22.50 11.26 5.89
C LEU A 77 21.51 10.59 4.96
N GLY A 78 21.65 10.87 3.66
CA GLY A 78 20.84 10.24 2.64
C GLY A 78 19.88 11.14 1.93
N VAL A 79 19.78 12.42 2.32
CA VAL A 79 18.72 13.31 1.85
C VAL A 79 19.34 14.40 0.99
N ASP A 80 18.92 14.44 -0.27
CA ASP A 80 19.48 15.41 -1.21
C ASP A 80 18.79 16.76 -1.05
N PRO A 81 19.52 17.82 -0.66
CA PRO A 81 18.88 19.15 -0.55
C PRO A 81 18.31 19.66 -1.85
N LYS A 82 18.80 19.17 -3.00
CA LYS A 82 18.15 19.53 -4.26
C LYS A 82 16.71 19.01 -4.27
N THR A 83 16.49 17.82 -3.71
CA THR A 83 15.17 17.20 -3.73
C THR A 83 14.23 17.83 -2.70
N TYR A 84 14.75 18.22 -1.55
CA TYR A 84 13.97 18.80 -0.46
C TYR A 84 14.59 20.14 -0.09
N PRO A 85 14.26 21.20 -0.83
CA PRO A 85 14.92 22.49 -0.59
C PRO A 85 14.48 23.15 0.70
N GLU A 86 15.42 23.90 1.28
CA GLU A 86 15.06 24.83 2.34
C GLU A 86 14.06 25.84 1.82
N GLY A 87 13.25 26.39 2.72
CA GLY A 87 12.22 27.33 2.34
C GLY A 87 10.99 26.72 1.73
N GLN A 88 10.95 25.41 1.48
CA GLN A 88 9.77 24.76 0.94
C GLN A 88 8.87 24.29 2.09
N LEU A 89 7.57 24.55 1.96
CA LEU A 89 6.62 24.13 2.98
C LEU A 89 6.23 22.68 2.75
N TYR A 90 6.51 21.83 3.74
CA TYR A 90 6.04 20.46 3.75
C TYR A 90 5.01 20.26 4.85
N ALA A 91 4.12 19.31 4.62
CA ALA A 91 3.23 18.77 5.64
C ALA A 91 3.70 17.37 6.01
N ALA A 92 3.56 17.04 7.30
CA ALA A 92 3.93 15.71 7.77
C ALA A 92 2.71 14.77 7.78
N HIS A 93 2.98 13.49 7.65
CA HIS A 93 1.97 12.44 7.72
C HIS A 93 1.92 11.99 9.17
N GLY A 94 0.90 12.43 9.90
CA GLY A 94 0.84 12.21 11.33
C GLY A 94 1.19 10.83 11.87
N PRO A 95 0.59 9.76 11.33
CA PRO A 95 0.97 8.40 11.78
C PRO A 95 2.46 8.08 11.67
N ASN A 96 3.19 8.76 10.77
CA ASN A 96 4.63 8.53 10.69
C ASN A 96 4.97 7.06 10.44
N PRO A 97 4.47 6.44 9.37
CA PRO A 97 4.73 5.02 9.14
C PRO A 97 6.20 4.74 8.85
N CYS A 98 6.57 3.47 9.03
CA CYS A 98 7.96 3.12 8.76
C CYS A 98 8.23 3.06 7.25
N GLY A 99 7.23 2.70 6.45
CA GLY A 99 7.33 2.72 5.01
C GLY A 99 7.65 1.36 4.41
N SER A 100 8.01 0.39 5.24
CA SER A 100 8.55 -0.88 4.77
C SER A 100 7.90 -2.11 5.38
N CYS A 101 7.04 -1.98 6.38
CA CYS A 101 6.53 -3.17 7.06
C CYS A 101 5.35 -3.73 6.28
N ARG A 102 4.73 -4.79 6.83
CA ARG A 102 3.59 -5.41 6.14
C ARG A 102 2.42 -4.44 6.02
N GLU A 103 2.17 -3.65 7.07
CA GLU A 103 1.06 -2.71 7.04
C GLU A 103 1.33 -1.55 6.07
N CYS A 104 2.58 -1.10 5.98
CA CYS A 104 2.89 0.00 5.08
C CYS A 104 2.79 -0.45 3.62
N ARG A 105 3.26 -1.66 3.31
CA ARG A 105 3.20 -2.14 1.92
C ARG A 105 1.78 -2.55 1.53
N SER A 106 0.96 -2.95 2.51
CA SER A 106 -0.47 -3.15 2.28
C SER A 106 -1.14 -1.89 1.75
N GLY A 107 -0.58 -0.71 2.05
CA GLY A 107 -1.27 0.54 1.84
C GLY A 107 -1.98 1.02 3.08
N LYS A 108 -2.18 0.14 4.07
CA LYS A 108 -2.73 0.48 5.36
C LYS A 108 -1.64 1.02 6.27
N ASP A 109 -0.90 2.04 5.80
CA ASP A 109 0.22 2.51 6.61
C ASP A 109 -0.20 3.45 7.72
N ASN A 110 -1.47 3.87 7.78
CA ASN A 110 -1.96 4.52 8.99
C ASN A 110 -1.93 3.56 10.16
N LEU A 111 -1.80 2.25 9.89
CA LEU A 111 -1.83 1.21 10.90
C LEU A 111 -0.45 0.68 11.24
N CYS A 112 0.61 1.35 10.81
CA CYS A 112 1.97 0.90 11.09
C CYS A 112 2.20 0.85 12.59
N HIS A 113 2.72 -0.29 13.06
CA HIS A 113 3.22 -0.46 14.41
C HIS A 113 4.61 -1.10 14.35
N ALA A 114 5.44 -0.60 13.44
CA ALA A 114 6.83 -1.01 13.38
C ALA A 114 7.58 -0.47 14.59
N GLU A 115 8.39 -1.32 15.21
CA GLU A 115 9.09 -0.96 16.44
C GLU A 115 10.16 0.11 16.23
N ASN A 116 10.24 0.69 15.03
CA ASN A 116 11.24 1.70 14.78
C ASN A 116 10.79 3.09 15.20
N ARG A 117 9.48 3.35 15.20
CA ARG A 117 8.97 4.70 15.37
C ARG A 117 7.60 4.60 16.06
N THR A 118 6.96 5.75 16.31
CA THR A 118 5.55 5.82 16.68
C THR A 118 4.94 7.07 16.04
N ASN A 119 3.59 7.13 16.05
CA ASN A 119 2.85 8.29 15.54
C ASN A 119 3.40 9.60 16.09
N TYR A 120 3.22 10.69 15.35
CA TYR A 120 3.55 12.01 15.90
C TYR A 120 2.69 12.28 17.12
N GLY A 121 3.29 12.95 18.11
CA GLY A 121 2.54 13.44 19.25
C GLY A 121 1.87 12.40 20.12
N LEU A 122 2.18 11.13 19.89
CA LEU A 122 1.87 10.05 20.81
C LEU A 122 3.16 9.33 21.18
N GLY A 123 4.24 10.10 21.30
CA GLY A 123 5.55 9.56 21.57
C GLY A 123 6.63 10.25 20.77
N TYR A 124 6.48 10.26 19.44
CA TYR A 124 7.46 10.89 18.56
C TYR A 124 7.37 12.41 18.68
N PRO A 125 8.51 13.13 18.63
CA PRO A 125 8.50 14.58 18.89
C PRO A 125 7.50 15.34 18.04
N GLY A 126 6.34 15.63 18.62
CA GLY A 126 5.24 16.21 17.88
C GLY A 126 5.44 17.68 17.55
N GLY A 127 4.32 18.35 17.25
CA GLY A 127 4.37 19.69 16.73
C GLY A 127 4.35 20.83 17.70
N TYR A 128 4.03 20.58 18.97
CA TYR A 128 4.00 21.66 19.95
C TYR A 128 5.41 22.07 20.39
N GLN A 129 6.26 22.41 19.40
CA GLN A 129 7.64 22.86 19.66
C GLN A 129 8.11 23.65 18.44
N GLN A 130 9.33 24.18 18.53
CA GLN A 130 9.83 25.01 17.44
C GLN A 130 10.44 24.18 16.31
N TYR A 131 10.98 22.99 16.61
CA TYR A 131 11.56 22.11 15.59
C TYR A 131 11.19 20.66 15.87
N THR A 132 11.04 19.87 14.81
CA THR A 132 10.82 18.42 14.93
C THR A 132 11.58 17.69 13.83
N LEU A 133 11.59 16.35 13.94
CA LEU A 133 12.18 15.49 12.92
C LEU A 133 11.09 14.86 12.05
N ALA A 134 11.44 14.59 10.79
CA ALA A 134 10.52 13.94 9.87
C ALA A 134 11.30 12.93 9.03
N LYS A 135 10.80 11.70 8.95
CA LYS A 135 11.32 10.77 7.95
C LYS A 135 10.76 11.20 6.60
N VAL A 136 11.65 11.55 5.66
CA VAL A 136 11.24 12.34 4.50
C VAL A 136 10.36 11.55 3.52
N HIS A 137 10.33 10.21 3.60
CA HIS A 137 9.24 9.44 3.01
C HIS A 137 7.87 9.91 3.52
N ASN A 138 7.82 10.60 4.68
CA ASN A 138 6.56 10.98 5.30
C ASN A 138 6.26 12.48 5.18
N LEU A 139 6.91 13.17 4.25
CA LEU A 139 6.64 14.58 3.97
C LEU A 139 5.91 14.72 2.64
N ILE A 140 5.11 15.78 2.52
CA ILE A 140 4.41 16.06 1.26
C ILE A 140 4.52 17.56 0.98
N LYS A 141 4.77 17.89 -0.28
CA LYS A 141 5.05 19.28 -0.62
C LYS A 141 3.74 20.05 -0.62
N VAL A 142 3.68 21.13 0.16
CA VAL A 142 2.43 21.88 0.24
C VAL A 142 2.21 22.64 -1.07
N PRO A 143 1.13 22.33 -1.81
CA PRO A 143 0.86 23.06 -3.06
C PRO A 143 0.78 24.57 -2.83
N ASP A 144 1.39 25.32 -3.74
CA ASP A 144 1.28 26.77 -3.70
C ASP A 144 -0.20 27.18 -3.69
N GLY A 145 -0.49 28.21 -2.92
CA GLY A 145 -1.87 28.60 -2.69
C GLY A 145 -2.36 28.10 -1.35
N VAL A 146 -2.00 26.87 -1.01
CA VAL A 146 -2.31 26.32 0.31
C VAL A 146 -1.35 26.92 1.33
N GLY A 147 -1.91 27.64 2.32
CA GLY A 147 -1.10 28.15 3.42
C GLY A 147 -0.82 27.09 4.48
N ALA A 148 0.18 27.38 5.31
CA ALA A 148 0.59 26.43 6.34
C ALA A 148 -0.56 26.04 7.25
N ALA A 149 -1.38 27.00 7.70
CA ALA A 149 -2.44 26.68 8.66
C ALA A 149 -3.40 25.62 8.10
N ILE A 150 -3.95 25.90 6.92
CA ILE A 150 -4.87 24.96 6.28
C ILE A 150 -4.18 23.64 5.96
N ALA A 151 -2.90 23.71 5.57
CA ALA A 151 -2.19 22.47 5.26
C ALA A 151 -2.03 21.61 6.51
N ALA A 152 -1.76 22.24 7.65
CA ALA A 152 -1.55 21.49 8.89
C ALA A 152 -2.83 20.83 9.34
N VAL A 153 -3.95 21.52 9.16
CA VAL A 153 -5.23 20.91 9.46
C VAL A 153 -5.58 19.81 8.45
N THR A 154 -5.06 19.91 7.22
CA THR A 154 -5.40 18.92 6.21
C THR A 154 -4.91 17.52 6.58
N THR A 155 -3.79 17.43 7.33
CA THR A 155 -3.23 16.12 7.67
C THR A 155 -4.03 15.35 8.71
N ASP A 156 -4.98 15.97 9.41
CA ASP A 156 -5.74 15.23 10.42
C ASP A 156 -7.22 15.58 10.32
N ALA A 157 -7.57 16.80 10.71
CA ALA A 157 -8.97 17.24 10.70
C ALA A 157 -9.65 17.05 9.35
N VAL A 158 -8.90 17.09 8.24
CA VAL A 158 -9.48 16.64 6.96
C VAL A 158 -9.20 15.18 6.71
N LEU A 159 -7.93 14.79 6.85
CA LEU A 159 -7.51 13.46 6.43
C LEU A 159 -8.34 12.37 7.11
N THR A 160 -8.55 12.49 8.44
CA THR A 160 -9.22 11.43 9.19
C THR A 160 -10.66 11.23 8.73
N PRO A 161 -11.53 12.25 8.68
CA PRO A 161 -12.87 11.97 8.13
C PRO A 161 -12.82 11.50 6.68
N TYR A 162 -11.79 11.88 5.93
CA TYR A 162 -11.74 11.48 4.52
C TYR A 162 -11.46 9.99 4.38
N HIS A 163 -10.46 9.51 5.13
CA HIS A 163 -10.23 8.07 5.32
C HIS A 163 -11.49 7.36 5.77
N ALA A 164 -12.17 7.87 6.81
CA ALA A 164 -13.35 7.19 7.33
C ALA A 164 -14.44 7.11 6.28
N PHE A 165 -14.73 8.24 5.62
CA PHE A 165 -15.83 8.25 4.67
C PHE A 165 -15.50 7.43 3.43
N LYS A 166 -14.22 7.23 3.09
CA LYS A 166 -14.00 6.28 2.01
C LYS A 166 -14.14 4.83 2.48
N LYS A 167 -13.76 4.53 3.72
CA LYS A 167 -14.20 3.28 4.33
C LYS A 167 -15.71 3.08 4.19
N ALA A 168 -16.48 4.17 4.19
CA ALA A 168 -17.93 4.02 4.26
C ALA A 168 -18.59 3.79 2.91
N ASP A 169 -17.89 4.07 1.81
CA ASP A 169 -18.34 3.70 0.46
C ASP A 169 -19.66 4.36 0.09
N ILE A 170 -19.74 5.67 0.27
CA ILE A 170 -20.98 6.40 0.03
C ILE A 170 -20.86 7.18 -1.27
N ASN A 171 -22.01 7.48 -1.88
CA ASN A 171 -22.04 8.22 -3.13
C ASN A 171 -23.23 9.18 -3.13
N GLY A 172 -23.53 9.73 -4.32
CA GLY A 172 -24.62 10.68 -4.45
C GLY A 172 -25.97 10.14 -4.06
N LEU A 173 -26.09 8.83 -3.92
CA LEU A 173 -27.34 8.21 -3.54
C LEU A 173 -27.42 7.92 -2.04
N SER A 174 -26.30 7.98 -1.31
CA SER A 174 -26.31 7.71 0.12
C SER A 174 -27.00 8.82 0.90
N LYS A 175 -27.54 8.44 2.07
CA LYS A 175 -28.08 9.38 3.05
C LYS A 175 -27.39 9.07 4.37
N ILE A 176 -26.71 10.05 4.96
CA ILE A 176 -25.87 9.81 6.12
C ILE A 176 -26.18 10.86 7.17
N LEU A 177 -25.69 10.60 8.38
CA LEU A 177 -25.74 11.54 9.48
C LEU A 177 -24.34 11.72 10.04
N ILE A 178 -24.00 12.98 10.33
CA ILE A 178 -22.76 13.32 11.02
C ILE A 178 -23.12 13.90 12.38
N ILE A 179 -22.56 13.34 13.45
CA ILE A 179 -22.70 13.90 14.79
C ILE A 179 -21.36 14.49 15.20
N GLY A 180 -21.36 15.78 15.51
CA GLY A 180 -20.13 16.46 15.84
C GLY A 180 -19.62 17.30 14.68
N LEU A 181 -19.62 18.61 14.86
CA LEU A 181 -19.29 19.60 13.83
C LEU A 181 -18.23 20.56 14.34
N GLY A 182 -17.16 20.05 14.90
CA GLY A 182 -16.00 20.86 15.17
C GLY A 182 -15.01 20.79 14.04
N GLY A 183 -13.74 20.68 14.40
CA GLY A 183 -12.68 20.72 13.39
C GLY A 183 -12.76 19.58 12.40
N LEU A 184 -12.86 18.35 12.90
CA LEU A 184 -13.14 17.22 12.02
C LEU A 184 -14.50 17.38 11.34
N GLY A 185 -15.53 17.73 12.11
CA GLY A 185 -16.91 17.61 11.63
C GLY A 185 -17.23 18.47 10.42
N ILE A 186 -16.76 19.72 10.41
CA ILE A 186 -17.08 20.61 9.29
C ILE A 186 -16.41 20.12 8.01
N ASN A 187 -15.15 19.67 8.11
CA ASN A 187 -14.52 19.01 6.97
C ASN A 187 -15.29 17.77 6.57
N ALA A 188 -15.80 17.02 7.55
CA ALA A 188 -16.56 15.82 7.22
C ALA A 188 -17.80 16.15 6.41
N VAL A 189 -18.47 17.25 6.75
CA VAL A 189 -19.58 17.73 5.93
C VAL A 189 -19.08 17.99 4.51
N GLN A 190 -17.96 18.70 4.40
CA GLN A 190 -17.46 19.03 3.08
C GLN A 190 -17.14 17.76 2.27
N ILE A 191 -16.49 16.78 2.90
CA ILE A 191 -16.08 15.54 2.23
C ILE A 191 -17.30 14.76 1.77
N ALA A 192 -18.27 14.54 2.67
CA ALA A 192 -19.47 13.79 2.30
C ALA A 192 -20.21 14.47 1.17
N LYS A 193 -20.29 15.81 1.20
CA LYS A 193 -20.91 16.51 0.09
C LYS A 193 -20.11 16.31 -1.21
N ALA A 194 -18.78 16.32 -1.12
CA ALA A 194 -17.99 16.14 -2.32
C ALA A 194 -18.13 14.73 -2.89
N MET A 195 -18.44 13.74 -2.03
CA MET A 195 -18.69 12.40 -2.53
C MET A 195 -20.13 12.22 -2.98
N GLY A 196 -20.98 13.21 -2.71
CA GLY A 196 -22.33 13.26 -3.21
C GLY A 196 -23.42 13.00 -2.20
N ALA A 197 -23.07 12.52 -1.00
CA ALA A 197 -24.08 12.04 -0.05
C ALA A 197 -25.01 13.17 0.37
N HIS A 198 -26.27 12.81 0.56
CA HIS A 198 -27.17 13.67 1.31
C HIS A 198 -26.71 13.66 2.76
N VAL A 199 -26.53 14.84 3.34
CA VAL A 199 -25.87 14.98 4.63
C VAL A 199 -26.86 15.53 5.64
N THR A 200 -26.98 14.83 6.77
CA THR A 200 -27.66 15.38 7.94
C THR A 200 -26.64 15.58 9.03
N ALA A 201 -26.75 16.69 9.75
CA ALA A 201 -25.72 17.08 10.70
C ALA A 201 -26.32 17.58 11.99
N TYR A 202 -25.66 17.25 13.09
CA TYR A 202 -26.05 17.69 14.42
C TYR A 202 -24.82 18.03 15.23
N ASP A 203 -24.87 19.17 15.93
CA ASP A 203 -23.91 19.60 16.93
C ASP A 203 -24.68 20.37 17.98
N LEU A 204 -24.09 20.52 19.17
CA LEU A 204 -24.71 21.35 20.19
C LEU A 204 -24.50 22.83 19.92
N LYS A 205 -23.30 23.20 19.46
CA LYS A 205 -22.98 24.60 19.21
C LYS A 205 -23.81 25.12 18.04
N GLU A 206 -24.44 26.27 18.23
CA GLU A 206 -25.25 26.82 17.15
C GLU A 206 -24.35 27.28 16.00
N SER A 207 -23.23 27.92 16.31
CA SER A 207 -22.36 28.39 15.24
C SER A 207 -21.73 27.22 14.49
N SER A 208 -21.53 26.08 15.18
CA SER A 208 -21.16 24.85 14.49
C SER A 208 -22.26 24.39 13.55
N ARG A 209 -23.51 24.43 14.00
CA ARG A 209 -24.64 24.06 13.15
C ARG A 209 -24.72 24.99 11.94
N GLN A 210 -24.60 26.31 12.17
CA GLN A 210 -24.66 27.28 11.08
C GLN A 210 -23.50 27.08 10.12
N LEU A 211 -22.31 26.78 10.64
CA LEU A 211 -21.19 26.41 9.80
C LEU A 211 -21.52 25.22 8.92
N ALA A 212 -22.19 24.21 9.49
CA ALA A 212 -22.58 23.06 8.68
C ALA A 212 -23.58 23.46 7.61
N ARG A 213 -24.41 24.45 7.90
CA ARG A 213 -25.34 24.95 6.91
C ARG A 213 -24.59 25.65 5.78
N GLN A 214 -23.74 26.62 6.14
CA GLN A 214 -22.81 27.28 5.24
C GLN A 214 -22.19 26.33 4.22
N PHE A 215 -21.78 25.15 4.66
CA PHE A 215 -21.06 24.22 3.79
C PHE A 215 -21.95 23.12 3.23
N GLY A 216 -23.23 23.42 3.00
CA GLY A 216 -24.06 22.61 2.15
C GLY A 216 -24.72 21.40 2.79
N ALA A 217 -24.58 21.20 4.10
CA ALA A 217 -25.33 20.16 4.79
C ALA A 217 -26.79 20.29 4.39
N ASP A 218 -27.37 19.20 3.90
CA ASP A 218 -28.73 19.27 3.39
C ASP A 218 -29.73 19.56 4.50
N VAL A 219 -29.45 19.04 5.69
CA VAL A 219 -30.35 19.13 6.84
C VAL A 219 -29.50 19.29 8.09
N VAL A 220 -29.75 20.35 8.86
CA VAL A 220 -29.10 20.52 10.15
C VAL A 220 -30.16 20.32 11.23
N LEU A 221 -30.02 19.21 11.96
CA LEU A 221 -30.90 18.96 13.08
C LEU A 221 -30.57 19.94 14.19
N GLU A 222 -31.55 20.73 14.61
CA GLU A 222 -31.34 21.54 15.79
C GLU A 222 -31.56 20.76 17.08
N SER A 223 -32.13 19.56 16.99
CA SER A 223 -32.37 18.71 18.14
C SER A 223 -32.25 17.26 17.75
N LEU A 224 -31.70 16.46 18.65
CA LEU A 224 -31.59 15.03 18.38
C LEU A 224 -31.56 14.32 19.73
N THR A 225 -32.63 13.59 20.02
CA THR A 225 -32.72 12.78 21.22
C THR A 225 -33.11 11.37 20.82
N LEU A 226 -32.88 10.44 21.76
CA LEU A 226 -33.21 9.03 21.59
C LEU A 226 -34.71 8.82 21.37
N ASP A 227 -35.55 9.76 21.75
CA ASP A 227 -36.98 9.56 21.51
C ASP A 227 -37.35 9.79 20.06
N ASP A 228 -36.52 10.52 19.32
CA ASP A 228 -36.79 10.72 17.92
C ASP A 228 -36.79 9.39 17.18
N ALA A 229 -37.69 9.27 16.21
CA ALA A 229 -37.76 8.10 15.36
C ALA A 229 -36.48 7.98 14.52
N SER A 230 -36.11 6.75 14.20
CA SER A 230 -34.93 6.51 13.37
C SER A 230 -35.22 6.97 11.95
N LYS A 231 -34.29 7.75 11.39
CA LYS A 231 -34.40 8.17 10.00
C LYS A 231 -33.61 7.26 9.07
N GLU A 232 -32.97 6.22 9.60
CA GLU A 232 -32.46 5.10 8.82
C GLU A 232 -31.41 5.54 7.79
N TYR A 233 -30.31 6.04 8.31
CA TYR A 233 -29.22 6.47 7.45
C TYR A 233 -28.43 5.26 6.98
N ASP A 234 -27.94 5.32 5.74
CA ASP A 234 -26.96 4.34 5.28
C ASP A 234 -25.75 4.33 6.20
N PHE A 235 -25.31 5.50 6.60
CA PHE A 235 -24.07 5.66 7.33
C PHE A 235 -24.23 6.71 8.43
N VAL A 236 -23.67 6.41 9.59
CA VAL A 236 -23.60 7.39 10.66
C VAL A 236 -22.17 7.52 11.13
N ALA A 237 -21.62 8.72 11.03
CA ALA A 237 -20.30 9.02 11.53
C ALA A 237 -20.50 9.78 12.83
N ASP A 238 -20.22 9.13 13.93
CA ASP A 238 -20.33 9.76 15.22
C ASP A 238 -18.93 10.25 15.58
N ILE A 239 -18.68 11.54 15.35
CA ILE A 239 -17.38 12.16 15.58
C ILE A 239 -17.33 12.77 16.98
N VAL A 240 -18.30 12.41 17.82
CA VAL A 240 -18.22 12.65 19.25
C VAL A 240 -17.81 11.39 20.00
N SER A 241 -18.55 10.29 19.77
CA SER A 241 -18.23 8.99 20.34
C SER A 241 -18.22 9.01 21.87
N ILE A 242 -19.21 9.67 22.48
CA ILE A 242 -19.57 9.32 23.85
C ILE A 242 -20.78 8.39 23.79
N GLN A 243 -21.30 7.97 24.94
CA GLN A 243 -22.41 7.01 24.94
C GLN A 243 -23.68 7.64 24.38
N SER A 244 -24.02 8.84 24.85
CA SER A 244 -25.13 9.60 24.30
C SER A 244 -25.16 9.53 22.76
N THR A 245 -24.06 9.95 22.14
CA THR A 245 -24.02 10.03 20.68
C THR A 245 -23.98 8.64 20.04
N PHE A 246 -23.28 7.69 20.65
CA PHE A 246 -23.28 6.33 20.13
C PHE A 246 -24.68 5.74 20.14
N ASP A 247 -25.40 5.90 21.26
CA ASP A 247 -26.79 5.43 21.36
C ASP A 247 -27.63 5.99 20.24
N LEU A 248 -27.55 7.30 20.01
CA LEU A 248 -28.25 7.91 18.88
C LEU A 248 -27.82 7.28 17.56
N ALA A 249 -26.52 7.09 17.35
CA ALA A 249 -26.02 6.58 16.07
C ALA A 249 -26.59 5.20 15.78
N LEU A 250 -26.66 4.35 16.80
CA LEU A 250 -27.16 3.00 16.56
C LEU A 250 -28.67 2.95 16.50
N LYS A 251 -29.37 3.97 17.00
CA LYS A 251 -30.80 3.97 16.70
C LYS A 251 -31.07 4.48 15.29
N GLN A 252 -30.26 5.43 14.82
CA GLN A 252 -30.59 6.16 13.60
C GLN A 252 -30.06 5.52 12.34
N VAL A 253 -29.17 4.54 12.47
CA VAL A 253 -28.60 3.88 11.30
C VAL A 253 -29.60 2.86 10.75
N LYS A 254 -29.73 2.82 9.42
CA LYS A 254 -30.58 1.84 8.76
C LYS A 254 -30.15 0.41 9.11
N SER A 255 -31.01 -0.54 8.75
CA SER A 255 -30.72 -1.96 8.94
C SER A 255 -29.58 -2.39 8.02
N ASN A 256 -28.65 -3.20 8.55
CA ASN A 256 -27.41 -3.58 7.88
C ASN A 256 -26.55 -2.37 7.55
N GLY A 257 -26.79 -1.25 8.23
CA GLY A 257 -26.07 -0.04 7.95
C GLY A 257 -24.74 0.04 8.68
N LEU A 258 -24.01 1.12 8.40
CA LEU A 258 -22.68 1.35 8.94
C LEU A 258 -22.69 2.45 10.01
N VAL A 259 -22.01 2.19 11.12
CA VAL A 259 -21.65 3.23 12.09
C VAL A 259 -20.14 3.21 12.25
N ILE A 260 -19.54 4.39 12.12
CA ILE A 260 -18.15 4.55 12.50
C ILE A 260 -18.11 5.49 13.69
N PRO A 261 -17.66 5.04 14.87
CA PRO A 261 -17.42 5.98 15.96
C PRO A 261 -16.05 6.61 15.75
N LEU A 262 -16.01 7.74 15.05
CA LEU A 262 -14.75 8.39 14.72
C LEU A 262 -14.13 9.11 15.91
N GLY A 263 -14.92 9.52 16.92
CA GLY A 263 -14.40 10.29 18.02
C GLY A 263 -13.73 9.45 19.08
N LEU A 264 -13.13 10.14 20.06
CA LEU A 264 -12.58 9.52 21.26
C LEU A 264 -13.24 10.10 22.51
N GLY A 265 -14.52 10.49 22.41
CA GLY A 265 -15.18 11.17 23.52
C GLY A 265 -15.19 10.37 24.81
N SER A 266 -15.16 9.04 24.69
CA SER A 266 -15.23 8.14 25.83
C SER A 266 -14.39 6.91 25.49
N PRO A 267 -13.55 6.43 26.43
CA PRO A 267 -12.65 5.32 26.10
C PRO A 267 -13.34 3.97 25.99
N LYS A 268 -14.60 3.87 26.40
CA LYS A 268 -15.35 2.64 26.30
C LYS A 268 -16.73 2.95 25.75
N LEU A 269 -17.27 2.03 24.96
CA LEU A 269 -18.59 2.23 24.38
C LEU A 269 -19.31 0.88 24.40
N THR A 270 -20.62 0.95 24.56
CA THR A 270 -21.44 -0.23 24.67
C THR A 270 -22.56 -0.14 23.65
N PHE A 271 -22.96 -1.28 23.08
CA PHE A 271 -24.07 -1.30 22.15
C PHE A 271 -25.10 -2.34 22.53
N ASP A 272 -26.29 -2.20 21.93
CA ASP A 272 -27.40 -3.14 22.04
C ASP A 272 -27.08 -4.38 21.21
N GLN A 273 -26.71 -5.47 21.88
CA GLN A 273 -26.31 -6.68 21.18
C GLN A 273 -27.48 -7.36 20.49
N ASN A 274 -28.66 -7.43 21.16
CA ASN A 274 -29.87 -7.89 20.46
C ASN A 274 -30.00 -7.17 19.14
N ASP A 275 -29.79 -5.85 19.16
CA ASP A 275 -30.09 -5.04 18.00
C ASP A 275 -28.97 -5.12 16.97
N LEU A 276 -27.71 -5.10 17.41
CA LEU A 276 -26.62 -5.24 16.45
C LEU A 276 -26.68 -6.57 15.74
N LEU A 277 -27.03 -7.63 16.47
CA LEU A 277 -27.19 -8.94 15.85
C LEU A 277 -28.37 -8.95 14.89
N VAL A 278 -29.59 -8.71 15.42
CA VAL A 278 -30.81 -8.85 14.62
C VAL A 278 -30.72 -8.03 13.34
N ARG A 279 -30.19 -6.81 13.43
CA ARG A 279 -30.13 -5.92 12.29
C ARG A 279 -28.81 -5.99 11.54
N GLU A 280 -27.91 -6.89 11.94
CA GLU A 280 -26.61 -7.05 11.29
C GLU A 280 -25.92 -5.71 11.06
N ILE A 281 -25.74 -4.96 12.16
CA ILE A 281 -25.10 -3.64 12.10
C ILE A 281 -23.61 -3.81 11.98
N ARG A 282 -22.98 -2.88 11.26
CA ARG A 282 -21.52 -2.85 11.08
C ARG A 282 -20.95 -1.69 11.89
N ILE A 283 -20.02 -2.00 12.78
CA ILE A 283 -19.30 -1.02 13.59
C ILE A 283 -17.85 -1.13 13.18
N LEU A 284 -17.29 -0.06 12.66
CA LEU A 284 -15.93 -0.10 12.13
C LEU A 284 -15.10 1.02 12.73
N GLY A 285 -13.92 0.66 13.26
CA GLY A 285 -12.93 1.68 13.59
C GLY A 285 -12.25 2.25 12.35
N SER A 286 -11.83 3.51 12.46
CA SER A 286 -11.11 4.20 11.39
C SER A 286 -10.17 5.23 12.01
N PHE A 287 -8.88 5.16 11.68
CA PHE A 287 -7.80 5.85 12.40
C PHE A 287 -6.90 6.64 11.45
N TRP A 288 -6.78 7.97 11.68
CA TRP A 288 -5.91 8.87 10.90
C TRP A 288 -6.26 8.72 9.41
N GLY A 289 -5.24 8.70 8.55
CA GLY A 289 -5.44 8.37 7.15
C GLY A 289 -4.15 7.82 6.58
N THR A 290 -4.26 7.16 5.43
CA THR A 290 -3.06 6.66 4.78
C THR A 290 -2.33 7.77 4.01
N SER A 291 -1.09 7.47 3.59
CA SER A 291 -0.34 8.45 2.80
C SER A 291 -0.95 8.64 1.40
N LEU A 292 -1.50 7.58 0.80
CA LEU A 292 -2.30 7.78 -0.40
C LEU A 292 -3.45 8.75 -0.12
N ASP A 293 -4.15 8.56 1.02
CA ASP A 293 -5.20 9.50 1.44
C ASP A 293 -4.66 10.92 1.56
N GLN A 294 -3.51 11.08 2.22
CA GLN A 294 -2.86 12.39 2.35
C GLN A 294 -2.70 13.07 0.98
N ALA A 295 -2.10 12.35 0.02
CA ALA A 295 -1.95 12.90 -1.34
C ALA A 295 -3.28 13.33 -1.92
N GLU A 296 -4.29 12.46 -1.83
CA GLU A 296 -5.60 12.78 -2.40
C GLU A 296 -6.19 14.03 -1.77
N VAL A 297 -6.03 14.19 -0.44
CA VAL A 297 -6.72 15.31 0.18
C VAL A 297 -5.99 16.59 -0.10
N PHE A 298 -4.66 16.54 -0.24
CA PHE A 298 -3.98 17.77 -0.61
C PHE A 298 -4.36 18.21 -2.02
N ASP A 299 -4.58 17.24 -2.92
CA ASP A 299 -5.21 17.57 -4.21
C ASP A 299 -6.53 18.28 -4.02
N LEU A 300 -7.46 17.65 -3.29
CA LEU A 300 -8.81 18.20 -3.14
C LEU A 300 -8.81 19.56 -2.44
N VAL A 301 -7.82 19.82 -1.58
CA VAL A 301 -7.74 21.13 -0.96
C VAL A 301 -7.20 22.16 -1.95
N LYS A 302 -6.14 21.81 -2.68
CA LYS A 302 -5.61 22.70 -3.71
C LYS A 302 -6.71 23.09 -4.70
N SER A 303 -7.47 22.12 -5.19
CA SER A 303 -8.54 22.40 -6.14
C SER A 303 -9.70 23.16 -5.54
N GLY A 304 -9.71 23.43 -4.24
CA GLY A 304 -10.82 24.13 -3.63
C GLY A 304 -12.06 23.28 -3.36
N ALA A 305 -12.01 21.96 -3.60
CA ALA A 305 -13.15 21.11 -3.23
C ALA A 305 -13.34 21.07 -1.72
N PHE A 306 -12.24 21.10 -0.96
CA PHE A 306 -12.23 21.17 0.49
C PHE A 306 -11.69 22.51 0.92
N LYS A 307 -12.41 23.19 1.82
CA LYS A 307 -11.98 24.49 2.35
C LYS A 307 -11.89 24.39 3.87
N PRO A 308 -10.80 23.84 4.39
CA PRO A 308 -10.68 23.64 5.85
C PRO A 308 -10.80 24.95 6.60
N GLN A 309 -11.58 24.92 7.69
CA GLN A 309 -11.94 26.12 8.46
C GLN A 309 -10.99 26.28 9.65
N VAL A 310 -10.08 27.26 9.56
CA VAL A 310 -9.05 27.43 10.57
C VAL A 310 -9.00 28.88 11.04
N GLU A 311 -8.50 29.06 12.28
CA GLU A 311 -8.03 30.34 12.79
C GLU A 311 -6.64 30.13 13.36
N THR A 312 -5.88 31.21 13.44
CA THR A 312 -4.51 31.13 13.94
C THR A 312 -4.39 31.81 15.30
N GLY A 313 -3.58 31.20 16.18
CA GLY A 313 -3.21 31.80 17.43
C GLY A 313 -1.71 31.69 17.68
N LYS A 314 -1.26 32.44 18.69
CA LYS A 314 0.16 32.45 19.01
C LYS A 314 0.59 31.11 19.62
N PHE A 315 1.80 30.67 19.26
CA PHE A 315 2.41 29.52 19.92
C PHE A 315 2.34 29.66 21.43
N LYS A 316 2.77 30.80 21.95
CA LYS A 316 2.82 31.06 23.39
C LYS A 316 1.49 30.84 24.09
N ASP A 317 0.38 30.83 23.36
CA ASP A 317 -0.95 30.75 23.97
C ASP A 317 -1.53 29.36 23.97
N LEU A 318 -0.74 28.32 23.62
CA LEU A 318 -1.31 26.99 23.43
C LEU A 318 -2.18 26.57 24.62
N ASN A 319 -1.64 26.71 25.83
CA ASN A 319 -2.36 26.26 27.01
C ASN A 319 -3.70 26.97 27.18
N GLU A 320 -3.75 28.27 26.86
CA GLU A 320 -5.03 28.96 26.95
C GLU A 320 -5.99 28.45 25.90
N ILE A 321 -5.52 28.17 24.69
CA ILE A 321 -6.51 27.82 23.68
C ILE A 321 -6.97 26.39 23.88
N LEU A 322 -6.10 25.51 24.40
CA LEU A 322 -6.56 24.16 24.70
C LEU A 322 -7.69 24.18 25.73
N GLU A 323 -7.61 25.08 26.71
CA GLU A 323 -8.74 25.27 27.61
C GLU A 323 -9.96 25.76 26.86
N LYS A 324 -9.79 26.73 25.96
CA LYS A 324 -10.92 27.21 25.17
C LYS A 324 -11.58 26.09 24.40
N LEU A 325 -10.79 25.11 23.93
CA LEU A 325 -11.31 24.01 23.15
C LEU A 325 -12.09 23.03 24.01
N GLU A 326 -11.60 22.73 25.23
CA GLU A 326 -12.35 21.86 26.14
C GLU A 326 -13.69 22.47 26.48
N LYS A 327 -13.76 23.79 26.59
CA LYS A 327 -15.00 24.51 26.83
C LYS A 327 -15.74 24.84 25.54
N GLY A 328 -15.39 24.19 24.43
CA GLY A 328 -16.13 24.34 23.18
C GLY A 328 -16.18 25.75 22.65
N GLN A 329 -15.11 26.53 22.85
CA GLN A 329 -15.14 27.94 22.50
C GLN A 329 -14.26 28.25 21.30
N ILE A 330 -13.80 27.24 20.57
CA ILE A 330 -13.12 27.45 19.30
C ILE A 330 -14.15 27.21 18.21
N LYS A 331 -14.20 28.11 17.22
CA LYS A 331 -15.22 28.04 16.18
C LYS A 331 -15.14 26.73 15.40
N SER A 332 -13.95 26.41 14.89
CA SER A 332 -13.72 25.09 14.30
C SER A 332 -12.37 24.57 14.79
N ARG A 333 -11.34 24.72 13.96
CA ARG A 333 -10.01 24.32 14.35
C ARG A 333 -9.11 25.53 14.48
N LEU A 334 -8.25 25.50 15.50
CA LEU A 334 -7.23 26.52 15.69
C LEU A 334 -5.86 25.91 15.41
N VAL A 335 -4.95 26.77 14.95
CA VAL A 335 -3.62 26.34 14.55
C VAL A 335 -2.63 27.41 15.01
N LEU A 336 -1.50 26.96 15.53
CA LEU A 336 -0.51 27.86 16.08
C LEU A 336 0.41 28.38 14.98
N THR A 337 0.67 29.68 15.04
CA THR A 337 1.61 30.38 14.19
C THR A 337 2.65 31.06 15.08
N ASP A 338 3.58 31.78 14.45
CA ASP A 338 4.49 32.69 15.16
C ASP A 338 5.26 31.95 16.27
N PHE A 339 5.98 30.93 15.87
CA PHE A 339 6.78 30.14 16.81
C PHE A 339 7.99 30.90 17.36
N ASP A 340 8.11 32.18 17.01
CA ASP A 340 9.21 33.02 17.50
C ASP A 340 8.82 33.87 18.69
N ASP A 341 7.58 34.32 18.76
CA ASP A 341 7.12 35.14 19.88
C ASP A 341 7.16 34.33 21.18
N ILE A 342 8.13 34.66 22.04
CA ILE A 342 8.25 33.98 23.34
C ILE A 342 8.96 34.88 24.33
N GLY B 2 35.00 -9.52 -1.27
CA GLY B 2 36.04 -9.40 -2.28
C GLY B 2 35.85 -8.22 -3.20
N LYS B 3 36.60 -8.17 -4.30
CA LYS B 3 36.57 -7.01 -5.19
C LYS B 3 35.54 -7.21 -6.31
N VAL B 4 34.66 -6.23 -6.46
CA VAL B 4 33.70 -6.19 -7.56
C VAL B 4 34.43 -5.84 -8.85
N PRO B 5 34.15 -6.49 -9.97
CA PRO B 5 34.91 -6.22 -11.19
C PRO B 5 34.39 -4.98 -11.92
N GLU B 6 35.19 -4.49 -12.87
CA GLU B 6 34.76 -3.34 -13.65
C GLU B 6 33.87 -3.72 -14.83
N THR B 7 33.88 -4.97 -15.26
CA THR B 7 33.03 -5.42 -16.34
C THR B 7 32.61 -6.85 -16.03
N HIS B 8 31.36 -7.20 -16.37
CA HIS B 8 30.87 -8.56 -16.25
C HIS B 8 30.19 -8.98 -17.53
N LYS B 9 29.81 -10.25 -17.61
CA LYS B 9 29.14 -10.78 -18.79
C LYS B 9 27.63 -10.63 -18.65
N GLY B 10 27.00 -10.11 -19.69
CA GLY B 10 25.55 -9.93 -19.67
C GLY B 10 24.86 -10.28 -20.97
N TYR B 11 23.73 -10.99 -20.88
CA TYR B 11 22.93 -11.32 -22.06
C TYR B 11 22.10 -10.11 -22.47
N VAL B 12 22.40 -9.55 -23.64
CA VAL B 12 21.73 -8.34 -24.09
C VAL B 12 20.73 -8.69 -25.18
N PHE B 13 19.52 -8.13 -25.07
CA PHE B 13 18.48 -8.25 -26.06
C PHE B 13 18.54 -7.07 -27.01
N THR B 14 18.31 -7.35 -28.29
CA THR B 14 18.26 -6.31 -29.31
C THR B 14 17.00 -6.53 -30.11
N SER B 15 16.21 -5.47 -30.27
CA SER B 15 14.95 -5.57 -31.00
C SER B 15 15.22 -6.04 -32.42
N GLY B 16 14.91 -7.30 -32.70
CA GLY B 16 15.10 -7.82 -34.04
C GLY B 16 15.77 -9.17 -34.10
N SER B 17 16.25 -9.67 -32.96
CA SER B 17 17.02 -10.91 -32.94
C SER B 17 16.35 -11.93 -32.01
N SER B 18 16.23 -13.16 -32.51
CA SER B 18 15.61 -14.26 -31.77
C SER B 18 16.44 -14.69 -30.58
N ARG B 19 17.73 -14.37 -30.56
CA ARG B 19 18.65 -14.83 -29.53
C ARG B 19 19.20 -13.68 -28.72
N LEU B 20 19.60 -13.97 -27.48
CA LEU B 20 20.30 -13.00 -26.67
C LEU B 20 21.79 -13.06 -26.97
N THR B 21 22.45 -11.92 -26.98
CA THR B 21 23.89 -11.83 -27.23
C THR B 21 24.61 -11.58 -25.92
N LEU B 22 25.45 -12.54 -25.50
CA LEU B 22 26.35 -12.28 -24.39
C LEU B 22 27.35 -11.18 -24.77
N LYS B 23 27.50 -10.20 -23.89
CA LYS B 23 28.35 -9.05 -24.13
C LYS B 23 29.10 -8.72 -22.84
N ASP B 24 29.95 -7.70 -22.92
CA ASP B 24 30.71 -7.18 -21.79
C ASP B 24 30.04 -5.89 -21.34
N VAL B 25 29.48 -5.93 -20.15
CA VAL B 25 28.72 -4.82 -19.57
C VAL B 25 29.58 -4.17 -18.50
N PRO B 26 29.75 -2.84 -18.51
CA PRO B 26 30.33 -2.19 -17.33
C PRO B 26 29.47 -2.48 -16.12
N THR B 27 30.09 -3.07 -15.10
CA THR B 27 29.38 -3.40 -13.87
C THR B 27 28.84 -2.12 -13.25
N TYR B 28 27.58 -2.14 -12.86
CA TYR B 28 26.92 -0.93 -12.42
C TYR B 28 27.43 -0.48 -11.06
N LYS B 29 27.58 0.82 -10.92
CA LYS B 29 27.92 1.45 -9.65
C LYS B 29 26.63 1.87 -8.95
N PRO B 30 26.44 1.49 -7.69
CA PRO B 30 25.11 1.63 -7.06
C PRO B 30 24.77 3.08 -6.77
N GLY B 31 23.54 3.47 -7.14
CA GLY B 31 23.06 4.78 -6.82
C GLY B 31 22.72 4.92 -5.33
N PRO B 32 22.32 6.12 -4.94
CA PRO B 32 21.77 6.30 -3.59
C PRO B 32 20.58 5.38 -3.37
N GLY B 33 20.54 4.77 -2.18
CA GLY B 33 19.53 3.79 -1.85
C GLY B 33 19.59 2.49 -2.62
N GLU B 34 20.69 2.20 -3.30
CA GLU B 34 20.80 0.97 -4.07
C GLU B 34 21.98 0.15 -3.59
N VAL B 35 22.02 -1.11 -4.02
CA VAL B 35 23.18 -1.97 -3.90
C VAL B 35 23.40 -2.70 -5.21
N LEU B 36 24.60 -3.25 -5.37
CA LEU B 36 24.92 -4.16 -6.46
C LEU B 36 24.77 -5.60 -5.95
N LEU B 37 24.03 -6.41 -6.67
CA LEU B 37 23.86 -7.82 -6.38
C LEU B 37 24.73 -8.64 -7.31
N LYS B 38 25.55 -9.52 -6.74
CA LYS B 38 26.16 -10.60 -7.51
C LYS B 38 25.13 -11.72 -7.60
N LEU B 39 24.66 -12.00 -8.80
CA LEU B 39 23.54 -12.90 -8.98
C LEU B 39 23.89 -14.31 -8.50
N GLU B 40 23.00 -14.89 -7.70
CA GLU B 40 23.14 -16.30 -7.34
C GLU B 40 22.28 -17.20 -8.21
N ALA B 41 21.04 -16.80 -8.50
CA ALA B 41 20.15 -17.65 -9.29
C ALA B 41 19.13 -16.79 -10.01
N SER B 42 18.98 -17.06 -11.31
CA SER B 42 18.11 -16.27 -12.19
C SER B 42 17.12 -17.18 -12.88
N GLY B 43 15.83 -16.97 -12.61
CA GLY B 43 14.81 -17.80 -13.22
C GLY B 43 14.55 -17.44 -14.68
N VAL B 44 14.29 -18.47 -15.48
CA VAL B 44 13.97 -18.30 -16.89
C VAL B 44 12.44 -18.33 -17.03
N CYS B 45 11.89 -17.36 -17.74
CA CYS B 45 10.45 -17.20 -17.79
C CYS B 45 9.96 -17.15 -19.23
N HIS B 46 8.75 -17.66 -19.44
CA HIS B 46 8.21 -17.71 -20.80
C HIS B 46 8.02 -16.32 -21.37
N SER B 47 7.69 -15.35 -20.50
CA SER B 47 7.56 -13.97 -20.96
C SER B 47 8.80 -13.52 -21.72
N ASP B 48 9.98 -14.03 -21.34
CA ASP B 48 11.19 -13.70 -22.07
C ASP B 48 11.14 -14.23 -23.50
N LEU B 49 10.51 -15.39 -23.73
CA LEU B 49 10.28 -15.86 -25.08
C LEU B 49 9.29 -14.98 -25.83
N HIS B 50 8.30 -14.42 -25.13
CA HIS B 50 7.42 -13.49 -25.83
C HIS B 50 8.12 -12.19 -26.18
N ILE B 51 9.08 -11.77 -25.36
CA ILE B 51 9.90 -10.59 -25.67
C ILE B 51 10.77 -10.89 -26.88
N LEU B 52 11.54 -11.98 -26.81
CA LEU B 52 12.43 -12.34 -27.90
C LEU B 52 11.65 -12.55 -29.19
N GLN B 53 10.40 -12.98 -29.08
CA GLN B 53 9.61 -13.26 -30.27
C GLN B 53 8.88 -12.02 -30.78
N GLY B 54 8.80 -10.96 -29.98
CA GLY B 54 8.12 -9.73 -30.36
C GLY B 54 6.80 -9.48 -29.65
N SER B 55 6.11 -10.54 -29.23
CA SER B 55 4.72 -10.39 -28.81
C SER B 55 4.57 -9.51 -27.56
N PHE B 56 5.64 -9.25 -26.81
CA PHE B 56 5.61 -8.32 -25.68
C PHE B 56 6.79 -7.37 -25.85
N PRO B 57 6.59 -6.24 -26.54
CA PRO B 57 7.73 -5.37 -26.87
C PRO B 57 8.20 -4.55 -25.68
N ILE B 58 9.52 -4.36 -25.63
CA ILE B 58 10.23 -3.64 -24.58
C ILE B 58 11.38 -2.91 -25.25
N PRO B 59 12.05 -1.97 -24.57
CA PRO B 59 13.22 -1.33 -25.17
C PRO B 59 14.30 -2.34 -25.52
N SER B 60 14.99 -2.06 -26.63
CA SER B 60 16.14 -2.86 -27.04
C SER B 60 17.36 -2.46 -26.22
N ASN B 61 18.42 -3.27 -26.35
CA ASN B 61 19.69 -3.04 -25.66
C ASN B 61 19.53 -3.16 -24.14
N SER B 62 18.73 -4.14 -23.72
CA SER B 62 18.42 -4.39 -22.32
C SER B 62 18.86 -5.80 -21.92
N VAL B 63 19.10 -5.98 -20.63
CA VAL B 63 19.31 -7.32 -20.07
C VAL B 63 17.97 -7.82 -19.54
N LEU B 64 17.51 -8.93 -20.12
CA LEU B 64 16.29 -9.59 -19.66
C LEU B 64 16.58 -10.45 -18.43
N GLY B 65 15.52 -11.07 -17.91
CA GLY B 65 15.61 -11.81 -16.68
C GLY B 65 15.00 -11.00 -15.56
N HIS B 66 14.00 -11.56 -14.88
CA HIS B 66 13.31 -10.82 -13.84
C HIS B 66 13.04 -11.65 -12.60
N GLU B 67 13.62 -12.83 -12.48
CA GLU B 67 13.52 -13.69 -11.31
C GLU B 67 14.91 -13.77 -10.69
N ILE B 68 15.18 -12.94 -9.69
CA ILE B 68 16.54 -12.54 -9.35
C ILE B 68 16.83 -12.90 -7.90
N THR B 69 18.00 -13.51 -7.69
CA THR B 69 18.44 -13.76 -6.32
C THR B 69 19.95 -13.64 -6.26
N GLY B 70 20.44 -12.91 -5.27
CA GLY B 70 21.87 -12.71 -5.19
C GLY B 70 22.28 -12.20 -3.82
N THR B 71 23.56 -11.88 -3.71
CA THR B 71 24.11 -11.29 -2.51
C THR B 71 24.62 -9.89 -2.80
N VAL B 72 24.57 -9.06 -1.77
CA VAL B 72 25.02 -7.68 -1.88
C VAL B 72 26.54 -7.67 -1.82
N VAL B 73 27.17 -6.94 -2.76
CA VAL B 73 28.62 -6.82 -2.82
C VAL B 73 29.10 -5.38 -2.96
N ALA B 74 28.19 -4.44 -3.20
CA ALA B 74 28.51 -3.02 -3.20
C ALA B 74 27.30 -2.23 -2.74
N TYR B 75 27.57 -1.08 -2.10
CA TYR B 75 26.55 -0.26 -1.46
C TYR B 75 26.59 1.17 -1.96
N GLY B 76 25.42 1.69 -2.37
CA GLY B 76 25.29 3.08 -2.74
C GLY B 76 25.06 4.01 -1.55
N LEU B 77 24.91 5.30 -1.86
CA LEU B 77 24.71 6.31 -0.82
C LEU B 77 23.44 6.00 -0.03
N GLY B 78 23.51 6.16 1.29
CA GLY B 78 22.40 5.89 2.15
C GLY B 78 22.30 4.46 2.63
N VAL B 79 22.88 3.51 1.89
CA VAL B 79 22.91 2.12 2.33
C VAL B 79 24.12 1.93 3.23
N ASP B 80 23.87 1.60 4.50
CA ASP B 80 24.96 1.33 5.43
C ASP B 80 25.35 -0.13 5.30
N PRO B 81 26.61 -0.45 4.99
CA PRO B 81 27.03 -1.85 4.81
C PRO B 81 26.59 -2.78 5.94
N LYS B 82 26.56 -2.30 7.19
CA LYS B 82 26.07 -3.10 8.31
C LYS B 82 24.64 -3.59 8.08
N THR B 83 23.80 -2.75 7.47
CA THR B 83 22.40 -3.11 7.29
C THR B 83 22.24 -4.36 6.43
N TYR B 84 23.13 -4.53 5.44
CA TYR B 84 23.00 -5.58 4.42
C TYR B 84 24.29 -6.40 4.40
N PRO B 85 24.37 -7.43 5.24
CA PRO B 85 25.66 -8.10 5.46
C PRO B 85 26.12 -8.91 4.28
N GLU B 86 27.45 -9.00 4.16
CA GLU B 86 28.08 -9.94 3.24
C GLU B 86 27.52 -11.34 3.45
N GLY B 87 27.18 -12.01 2.36
CA GLY B 87 26.83 -13.41 2.38
C GLY B 87 25.35 -13.69 2.46
N GLN B 88 24.54 -12.69 2.80
CA GLN B 88 23.12 -12.89 2.98
C GLN B 88 22.42 -12.95 1.63
N LEU B 89 21.62 -13.98 1.44
CA LEU B 89 20.87 -14.14 0.20
C LEU B 89 19.67 -13.22 0.20
N TYR B 90 19.45 -12.53 -0.91
CA TYR B 90 18.31 -11.64 -1.08
C TYR B 90 17.60 -11.98 -2.37
N ALA B 91 16.27 -11.78 -2.38
CA ALA B 91 15.45 -11.89 -3.57
C ALA B 91 14.90 -10.52 -3.93
N ALA B 92 14.83 -10.24 -5.22
CA ALA B 92 14.42 -8.93 -5.69
C ALA B 92 12.93 -8.92 -6.01
N HIS B 93 12.30 -7.76 -5.81
CA HIS B 93 10.90 -7.56 -6.16
C HIS B 93 10.86 -7.18 -7.64
N GLY B 94 10.43 -8.13 -8.46
CA GLY B 94 10.44 -8.01 -9.90
C GLY B 94 10.02 -6.66 -10.47
N PRO B 95 8.83 -6.17 -10.12
CA PRO B 95 8.34 -4.91 -10.74
C PRO B 95 9.25 -3.74 -10.49
N ASN B 96 10.08 -3.79 -9.43
CA ASN B 96 11.05 -2.75 -9.09
C ASN B 96 10.32 -1.44 -8.87
N PRO B 97 9.45 -1.34 -7.85
CA PRO B 97 8.63 -0.15 -7.69
C PRO B 97 9.42 1.02 -7.13
N CYS B 98 8.99 2.24 -7.50
CA CYS B 98 9.60 3.41 -6.88
C CYS B 98 9.29 3.48 -5.38
N GLY B 99 8.13 2.95 -4.95
CA GLY B 99 7.86 2.80 -3.54
C GLY B 99 7.29 4.02 -2.85
N SER B 100 7.15 5.14 -3.58
CA SER B 100 6.63 6.36 -3.00
C SER B 100 5.53 7.04 -3.82
N CYS B 101 5.17 6.50 -5.00
CA CYS B 101 4.15 7.07 -5.86
C CYS B 101 2.74 6.65 -5.40
N ARG B 102 1.71 6.99 -6.19
CA ARG B 102 0.35 6.69 -5.71
C ARG B 102 0.03 5.21 -5.86
N GLU B 103 0.44 4.63 -6.98
CA GLU B 103 0.31 3.19 -7.11
C GLU B 103 1.05 2.48 -5.99
N CYS B 104 2.25 2.94 -5.63
CA CYS B 104 3.01 2.24 -4.62
C CYS B 104 2.37 2.37 -3.23
N ARG B 105 1.94 3.59 -2.86
CA ARG B 105 1.47 3.83 -1.51
C ARG B 105 0.10 3.22 -1.25
N SER B 106 -0.62 2.84 -2.29
CA SER B 106 -1.93 2.23 -2.10
C SER B 106 -1.87 0.71 -1.98
N GLY B 107 -0.68 0.12 -1.75
CA GLY B 107 -0.48 -1.25 -2.18
C GLY B 107 -0.52 -1.10 -3.68
N LYS B 108 -0.65 -2.18 -4.41
CA LYS B 108 -0.61 -2.09 -5.88
C LYS B 108 0.76 -1.60 -6.40
N ASP B 109 1.86 -1.82 -5.67
CA ASP B 109 3.15 -1.39 -6.19
C ASP B 109 3.68 -2.34 -7.27
N ASN B 110 2.94 -3.40 -7.59
CA ASN B 110 3.20 -4.14 -8.80
C ASN B 110 2.92 -3.29 -10.03
N LEU B 111 2.16 -2.22 -9.88
CA LEU B 111 1.70 -1.41 -10.99
C LEU B 111 2.42 -0.09 -11.05
N CYS B 112 3.53 0.04 -10.32
CA CYS B 112 4.34 1.24 -10.43
C CYS B 112 4.66 1.52 -11.89
N HIS B 113 4.46 2.78 -12.29
CA HIS B 113 4.93 3.27 -13.57
C HIS B 113 5.60 4.64 -13.41
N ALA B 114 6.21 4.88 -12.25
CA ALA B 114 6.99 6.09 -12.07
C ALA B 114 8.15 6.13 -13.06
N GLU B 115 8.63 7.33 -13.37
CA GLU B 115 9.46 7.53 -14.56
C GLU B 115 10.95 7.26 -14.32
N ASN B 116 11.37 6.91 -13.12
CA ASN B 116 12.80 6.76 -12.86
C ASN B 116 13.22 5.32 -12.60
N ARG B 117 12.58 4.39 -13.31
CA ARG B 117 12.77 2.97 -13.10
C ARG B 117 11.84 2.25 -14.07
N THR B 118 12.05 0.94 -14.21
CA THR B 118 11.11 0.05 -14.92
C THR B 118 11.15 -1.31 -14.24
N ASN B 119 10.26 -2.20 -14.70
CA ASN B 119 10.30 -3.58 -14.25
C ASN B 119 11.64 -4.20 -14.62
N TYR B 120 12.16 -5.06 -13.74
CA TYR B 120 13.33 -5.85 -14.08
C TYR B 120 13.10 -6.59 -15.38
N GLY B 121 14.16 -6.71 -16.18
CA GLY B 121 14.10 -7.53 -17.38
C GLY B 121 13.15 -7.01 -18.45
N LEU B 122 12.72 -5.76 -18.27
CA LEU B 122 11.82 -5.06 -19.16
C LEU B 122 12.36 -3.67 -19.41
N GLY B 123 13.69 -3.53 -19.39
CA GLY B 123 14.34 -2.24 -19.49
C GLY B 123 15.43 -2.07 -18.45
N TYR B 124 15.04 -2.14 -17.17
CA TYR B 124 15.97 -2.09 -16.06
C TYR B 124 16.83 -3.36 -16.04
N PRO B 125 18.12 -3.25 -15.72
CA PRO B 125 19.04 -4.37 -16.00
C PRO B 125 18.65 -5.61 -15.22
N GLY B 126 18.50 -6.71 -15.94
CA GLY B 126 17.82 -7.89 -15.44
C GLY B 126 18.75 -8.93 -14.86
N GLY B 127 18.22 -10.16 -14.75
CA GLY B 127 18.90 -11.27 -14.11
C GLY B 127 19.84 -12.11 -14.98
N TYR B 128 19.81 -11.93 -16.30
CA TYR B 128 20.64 -12.76 -17.18
C TYR B 128 22.03 -12.15 -17.32
N GLN B 129 22.67 -11.94 -16.18
CA GLN B 129 24.02 -11.36 -16.14
C GLN B 129 24.63 -11.72 -14.80
N GLN B 130 25.88 -11.30 -14.60
CA GLN B 130 26.61 -11.71 -13.41
C GLN B 130 26.36 -10.78 -12.23
N TYR B 131 26.02 -9.51 -12.50
CA TYR B 131 25.69 -8.53 -11.46
C TYR B 131 24.57 -7.62 -11.95
N THR B 132 23.74 -7.14 -11.02
CA THR B 132 22.73 -6.15 -11.36
C THR B 132 22.44 -5.28 -10.14
N LEU B 133 21.87 -4.10 -10.38
CA LEU B 133 21.50 -3.20 -9.29
C LEU B 133 20.18 -3.65 -8.68
N ALA B 134 19.97 -3.25 -7.42
CA ALA B 134 18.66 -3.35 -6.77
C ALA B 134 18.51 -2.23 -5.77
N LYS B 135 17.34 -1.59 -5.75
CA LYS B 135 17.03 -0.67 -4.66
C LYS B 135 16.75 -1.48 -3.38
N VAL B 136 17.28 -1.01 -2.26
CA VAL B 136 17.12 -1.73 -1.00
C VAL B 136 15.65 -1.97 -0.69
N HIS B 137 14.79 -1.00 -0.99
CA HIS B 137 13.37 -1.14 -0.66
C HIS B 137 12.75 -2.33 -1.37
N ASN B 138 13.40 -2.83 -2.42
CA ASN B 138 12.84 -3.87 -3.26
C ASN B 138 13.51 -5.21 -3.06
N LEU B 139 14.25 -5.36 -1.96
CA LEU B 139 14.94 -6.61 -1.64
C LEU B 139 14.31 -7.25 -0.41
N ILE B 140 14.20 -8.56 -0.43
CA ILE B 140 13.69 -9.29 0.72
C ILE B 140 14.72 -10.34 1.12
N LYS B 141 15.01 -10.38 2.42
CA LYS B 141 15.91 -11.39 2.98
C LYS B 141 15.32 -12.77 2.74
N VAL B 142 16.08 -13.66 2.12
CA VAL B 142 15.56 -15.00 1.87
C VAL B 142 15.67 -15.77 3.17
N PRO B 143 14.58 -16.31 3.69
CA PRO B 143 14.67 -17.02 4.98
C PRO B 143 15.54 -18.26 4.83
N ASP B 144 16.36 -18.49 5.86
CA ASP B 144 17.27 -19.62 5.84
C ASP B 144 16.52 -20.92 5.62
N GLY B 145 17.05 -21.76 4.75
CA GLY B 145 16.40 -22.99 4.34
C GLY B 145 15.77 -22.92 2.97
N VAL B 146 15.48 -21.72 2.48
CA VAL B 146 15.01 -21.54 1.11
C VAL B 146 16.22 -21.46 0.20
N GLY B 147 16.34 -22.42 -0.72
CA GLY B 147 17.42 -22.39 -1.69
C GLY B 147 17.31 -21.20 -2.62
N ALA B 148 18.45 -20.83 -3.19
CA ALA B 148 18.50 -19.68 -4.08
C ALA B 148 17.60 -19.86 -5.30
N ALA B 149 17.52 -21.08 -5.83
CA ALA B 149 16.76 -21.31 -7.06
C ALA B 149 15.24 -21.22 -6.83
N ILE B 150 14.74 -21.92 -5.80
CA ILE B 150 13.33 -21.77 -5.46
C ILE B 150 13.04 -20.31 -5.09
N ALA B 151 13.97 -19.64 -4.42
CA ALA B 151 13.75 -18.26 -4.04
C ALA B 151 13.63 -17.38 -5.26
N ALA B 152 14.45 -17.63 -6.28
CA ALA B 152 14.34 -16.88 -7.52
C ALA B 152 12.96 -17.06 -8.12
N VAL B 153 12.52 -18.31 -8.28
CA VAL B 153 11.27 -18.52 -9.01
C VAL B 153 10.04 -18.15 -8.19
N THR B 154 10.16 -18.04 -6.86
CA THR B 154 9.00 -17.57 -6.12
C THR B 154 8.75 -16.07 -6.30
N THR B 155 9.69 -15.32 -6.87
CA THR B 155 9.43 -13.90 -7.13
C THR B 155 8.50 -13.66 -8.32
N ASP B 156 8.19 -14.70 -9.11
CA ASP B 156 7.34 -14.53 -10.29
C ASP B 156 6.53 -15.79 -10.59
N ALA B 157 7.19 -16.96 -10.64
CA ALA B 157 6.44 -18.20 -10.88
C ALA B 157 5.45 -18.50 -9.78
N VAL B 158 5.82 -18.21 -8.53
CA VAL B 158 4.90 -18.35 -7.40
C VAL B 158 4.12 -17.07 -7.16
N LEU B 159 4.82 -15.93 -7.18
CA LEU B 159 4.18 -14.65 -6.89
C LEU B 159 2.98 -14.39 -7.79
N THR B 160 3.15 -14.55 -9.10
CA THR B 160 2.12 -14.05 -10.03
C THR B 160 0.80 -14.77 -9.85
N PRO B 161 0.73 -16.10 -9.92
CA PRO B 161 -0.56 -16.77 -9.66
C PRO B 161 -1.08 -16.51 -8.26
N TYR B 162 -0.20 -16.27 -7.30
CA TYR B 162 -0.64 -15.99 -5.93
C TYR B 162 -1.42 -14.68 -5.87
N HIS B 163 -0.82 -13.61 -6.40
CA HIS B 163 -1.51 -12.33 -6.51
C HIS B 163 -2.85 -12.47 -7.24
N ALA B 164 -2.83 -13.16 -8.38
CA ALA B 164 -4.08 -13.35 -9.13
C ALA B 164 -5.13 -14.12 -8.31
N PHE B 165 -4.72 -15.14 -7.57
CA PHE B 165 -5.70 -15.96 -6.87
C PHE B 165 -6.26 -15.25 -5.65
N LYS B 166 -5.46 -14.38 -5.02
CA LYS B 166 -6.01 -13.49 -4.01
C LYS B 166 -7.05 -12.57 -4.64
N LYS B 167 -6.78 -12.05 -5.84
CA LYS B 167 -7.82 -11.37 -6.60
C LYS B 167 -9.08 -12.23 -6.68
N ALA B 168 -8.92 -13.55 -6.85
CA ALA B 168 -10.06 -14.41 -7.15
C ALA B 168 -10.97 -14.64 -5.95
N ASP B 169 -10.49 -14.39 -4.74
CA ASP B 169 -11.27 -14.61 -3.52
C ASP B 169 -11.98 -15.96 -3.58
N ILE B 170 -11.16 -17.01 -3.58
CA ILE B 170 -11.61 -18.39 -3.61
C ILE B 170 -11.34 -19.01 -2.24
N ASN B 171 -12.14 -20.02 -1.88
CA ASN B 171 -11.96 -20.68 -0.60
C ASN B 171 -12.34 -22.15 -0.73
N GLY B 172 -12.47 -22.82 0.42
CA GLY B 172 -12.72 -24.27 0.45
C GLY B 172 -13.99 -24.70 -0.24
N LEU B 173 -14.94 -23.77 -0.44
CA LEU B 173 -16.17 -24.07 -1.16
C LEU B 173 -16.10 -23.68 -2.64
N SER B 174 -15.10 -22.90 -3.05
CA SER B 174 -14.91 -22.58 -4.46
C SER B 174 -14.42 -23.80 -5.25
N LYS B 175 -14.82 -23.86 -6.52
CA LYS B 175 -14.30 -24.83 -7.48
C LYS B 175 -13.71 -24.08 -8.67
N ILE B 176 -12.40 -24.24 -8.90
CA ILE B 176 -11.69 -23.46 -9.91
C ILE B 176 -11.04 -24.37 -10.93
N LEU B 177 -10.77 -23.77 -12.09
CA LEU B 177 -10.13 -24.44 -13.22
C LEU B 177 -8.85 -23.71 -13.57
N ILE B 178 -7.82 -24.49 -13.90
CA ILE B 178 -6.52 -23.95 -14.24
C ILE B 178 -6.11 -24.55 -15.57
N ILE B 179 -6.01 -23.69 -16.59
CA ILE B 179 -5.51 -24.10 -17.89
C ILE B 179 -4.03 -23.80 -17.94
N GLY B 180 -3.26 -24.70 -18.55
CA GLY B 180 -1.83 -24.52 -18.65
C GLY B 180 -1.16 -24.73 -17.31
N LEU B 181 -0.39 -25.82 -17.19
CA LEU B 181 0.26 -26.18 -15.94
C LEU B 181 1.76 -26.25 -16.20
N GLY B 182 2.46 -25.14 -16.02
CA GLY B 182 3.89 -25.13 -16.24
C GLY B 182 4.69 -24.63 -15.05
N GLY B 183 5.51 -23.61 -15.27
CA GLY B 183 6.22 -22.97 -14.18
C GLY B 183 5.25 -22.34 -13.21
N LEU B 184 4.51 -21.33 -13.68
CA LEU B 184 3.43 -20.75 -12.90
C LEU B 184 2.35 -21.79 -12.58
N GLY B 185 2.02 -22.63 -13.55
CA GLY B 185 0.85 -23.48 -13.43
C GLY B 185 0.89 -24.40 -12.22
N ILE B 186 2.03 -25.06 -11.99
CA ILE B 186 2.11 -26.01 -10.88
C ILE B 186 2.10 -25.27 -9.55
N ASN B 187 2.76 -24.12 -9.48
CA ASN B 187 2.61 -23.25 -8.33
C ASN B 187 1.16 -22.82 -8.16
N ALA B 188 0.51 -22.49 -9.28
CA ALA B 188 -0.91 -22.13 -9.26
C ALA B 188 -1.75 -23.22 -8.59
N VAL B 189 -1.51 -24.48 -8.97
CA VAL B 189 -2.23 -25.59 -8.37
C VAL B 189 -1.98 -25.62 -6.86
N GLN B 190 -0.71 -25.54 -6.47
CA GLN B 190 -0.39 -25.63 -5.05
C GLN B 190 -1.12 -24.56 -4.26
N ILE B 191 -1.07 -23.31 -4.74
CA ILE B 191 -1.62 -22.22 -3.94
C ILE B 191 -3.15 -22.24 -3.95
N ALA B 192 -3.80 -22.64 -5.06
CA ALA B 192 -5.24 -22.84 -4.99
C ALA B 192 -5.59 -23.92 -3.98
N LYS B 193 -4.89 -25.05 -4.03
CA LYS B 193 -5.14 -26.13 -3.08
C LYS B 193 -4.94 -25.65 -1.64
N ALA B 194 -3.95 -24.77 -1.42
CA ALA B 194 -3.69 -24.30 -0.07
C ALA B 194 -4.75 -23.32 0.40
N MET B 195 -5.27 -22.49 -0.52
CA MET B 195 -6.38 -21.63 -0.16
C MET B 195 -7.65 -22.44 0.09
N GLY B 196 -7.67 -23.71 -0.30
CA GLY B 196 -8.75 -24.62 0.01
C GLY B 196 -9.56 -25.10 -1.17
N ALA B 197 -9.42 -24.44 -2.32
CA ALA B 197 -10.37 -24.64 -3.43
C ALA B 197 -10.30 -26.04 -4.02
N HIS B 198 -11.44 -26.50 -4.50
CA HIS B 198 -11.45 -27.66 -5.39
C HIS B 198 -10.83 -27.23 -6.71
N VAL B 199 -9.95 -28.06 -7.25
CA VAL B 199 -9.10 -27.67 -8.37
C VAL B 199 -9.24 -28.70 -9.46
N THR B 200 -9.43 -28.24 -10.69
CA THR B 200 -9.23 -29.10 -11.85
C THR B 200 -8.25 -28.42 -12.80
N ALA B 201 -7.36 -29.21 -13.39
CA ALA B 201 -6.20 -28.69 -14.11
C ALA B 201 -6.04 -29.35 -15.46
N TYR B 202 -5.65 -28.56 -16.45
CA TYR B 202 -5.34 -29.07 -17.78
C TYR B 202 -3.97 -28.54 -18.22
N ASP B 203 -3.28 -29.35 -19.01
CA ASP B 203 -2.07 -28.97 -19.72
C ASP B 203 -1.72 -30.08 -20.71
N LEU B 204 -1.22 -29.68 -21.89
CA LEU B 204 -0.93 -30.65 -22.93
C LEU B 204 0.11 -31.66 -22.50
N LYS B 205 1.08 -31.26 -21.67
CA LYS B 205 2.19 -32.13 -21.32
C LYS B 205 1.74 -33.22 -20.34
N GLU B 206 2.02 -34.47 -20.68
CA GLU B 206 1.79 -35.57 -19.75
C GLU B 206 2.59 -35.36 -18.47
N SER B 207 3.83 -34.88 -18.61
CA SER B 207 4.65 -34.60 -17.44
C SER B 207 3.98 -33.58 -16.55
N SER B 208 3.42 -32.52 -17.13
CA SER B 208 2.87 -31.45 -16.33
C SER B 208 1.54 -31.85 -15.68
N ARG B 209 0.70 -32.64 -16.37
CA ARG B 209 -0.47 -33.22 -15.69
C ARG B 209 -0.05 -34.20 -14.60
N GLN B 210 1.05 -34.93 -14.78
CA GLN B 210 1.52 -35.81 -13.72
C GLN B 210 1.93 -34.99 -12.51
N LEU B 211 2.57 -33.85 -12.75
CA LEU B 211 2.94 -32.96 -11.65
C LEU B 211 1.69 -32.40 -10.95
N ALA B 212 0.66 -32.08 -11.72
CA ALA B 212 -0.55 -31.53 -11.12
C ALA B 212 -1.32 -32.58 -10.32
N ARG B 213 -1.46 -33.80 -10.86
CA ARG B 213 -2.03 -34.88 -10.05
C ARG B 213 -1.16 -35.14 -8.83
N GLN B 214 0.15 -34.96 -8.96
CA GLN B 214 1.06 -35.13 -7.85
C GLN B 214 0.95 -34.02 -6.82
N PHE B 215 0.36 -32.88 -7.20
CA PHE B 215 0.37 -31.68 -6.37
C PHE B 215 -0.99 -31.38 -5.73
N GLY B 216 -1.96 -32.26 -5.87
CA GLY B 216 -3.23 -32.12 -5.18
C GLY B 216 -4.41 -31.75 -6.06
N ALA B 217 -4.18 -31.50 -7.35
CA ALA B 217 -5.26 -31.19 -8.28
C ALA B 217 -6.33 -32.27 -8.20
N ASP B 218 -7.48 -31.92 -7.62
CA ASP B 218 -8.55 -32.90 -7.43
C ASP B 218 -8.97 -33.55 -8.74
N VAL B 219 -8.73 -32.91 -9.88
CA VAL B 219 -9.05 -33.50 -11.18
C VAL B 219 -8.03 -32.99 -12.19
N VAL B 220 -7.29 -33.89 -12.81
CA VAL B 220 -6.34 -33.52 -13.85
C VAL B 220 -6.89 -34.09 -15.16
N LEU B 221 -7.45 -33.21 -15.98
CA LEU B 221 -8.05 -33.63 -17.24
C LEU B 221 -6.97 -33.82 -18.30
N GLU B 222 -7.18 -34.80 -19.16
CA GLU B 222 -6.26 -35.05 -20.27
C GLU B 222 -6.78 -34.52 -21.59
N SER B 223 -8.05 -34.12 -21.64
CA SER B 223 -8.66 -33.53 -22.82
C SER B 223 -9.43 -32.29 -22.38
N LEU B 224 -9.76 -31.44 -23.36
CA LEU B 224 -10.62 -30.27 -23.15
C LEU B 224 -10.99 -29.64 -24.48
N THR B 225 -12.19 -29.96 -24.98
CA THR B 225 -12.71 -29.38 -26.21
C THR B 225 -13.87 -28.45 -25.91
N LEU B 226 -14.09 -27.50 -26.82
CA LEU B 226 -15.18 -26.55 -26.65
C LEU B 226 -16.55 -27.22 -26.85
N ASP B 227 -16.62 -28.54 -26.74
CA ASP B 227 -17.92 -29.21 -26.61
C ASP B 227 -18.06 -30.02 -25.33
N ASP B 228 -16.99 -30.18 -24.55
CA ASP B 228 -17.15 -30.57 -23.16
C ASP B 228 -18.01 -29.52 -22.46
N ALA B 229 -19.28 -29.83 -22.19
CA ALA B 229 -20.20 -28.85 -21.65
C ALA B 229 -19.68 -28.27 -20.33
N SER B 230 -20.20 -27.10 -19.97
CA SER B 230 -19.59 -26.30 -18.91
C SER B 230 -19.73 -26.98 -17.55
N LYS B 231 -18.65 -27.01 -16.78
CA LYS B 231 -18.73 -27.42 -15.38
C LYS B 231 -18.87 -26.22 -14.44
N GLU B 232 -19.10 -25.02 -14.98
CA GLU B 232 -19.52 -23.84 -14.23
C GLU B 232 -18.62 -23.55 -13.03
N TYR B 233 -17.31 -23.51 -13.28
CA TYR B 233 -16.35 -23.18 -12.24
C TYR B 233 -16.59 -21.77 -11.70
N ASP B 234 -16.30 -21.58 -10.41
CA ASP B 234 -16.34 -20.22 -9.87
C ASP B 234 -15.32 -19.32 -10.54
N PHE B 235 -14.20 -19.89 -10.99
CA PHE B 235 -13.03 -19.12 -11.36
C PHE B 235 -12.18 -19.94 -12.31
N VAL B 236 -11.82 -19.37 -13.46
CA VAL B 236 -10.91 -20.00 -14.40
C VAL B 236 -9.64 -19.18 -14.48
N ALA B 237 -8.50 -19.82 -14.25
CA ALA B 237 -7.19 -19.20 -14.47
C ALA B 237 -6.61 -19.78 -15.75
N ASP B 238 -6.70 -19.00 -16.83
CA ASP B 238 -6.08 -19.31 -18.11
C ASP B 238 -4.64 -18.80 -18.09
N ILE B 239 -3.68 -19.70 -17.93
CA ILE B 239 -2.28 -19.30 -17.78
C ILE B 239 -1.50 -19.47 -19.07
N VAL B 240 -2.18 -19.81 -20.17
CA VAL B 240 -1.59 -19.71 -21.49
C VAL B 240 -2.22 -18.57 -22.30
N SER B 241 -3.52 -18.35 -22.15
CA SER B 241 -4.23 -17.23 -22.76
C SER B 241 -3.86 -17.07 -24.22
N ILE B 242 -4.20 -18.10 -25.00
CA ILE B 242 -4.32 -17.98 -26.44
C ILE B 242 -5.77 -18.26 -26.77
N GLN B 243 -6.22 -17.73 -27.91
CA GLN B 243 -7.64 -17.69 -28.20
C GLN B 243 -8.32 -19.03 -27.93
N SER B 244 -7.65 -20.13 -28.25
CA SER B 244 -8.17 -21.46 -27.95
C SER B 244 -8.58 -21.59 -26.49
N THR B 245 -7.63 -21.31 -25.59
CA THR B 245 -7.87 -21.50 -24.17
C THR B 245 -8.80 -20.45 -23.61
N PHE B 246 -8.74 -19.22 -24.13
CA PHE B 246 -9.65 -18.18 -23.66
C PHE B 246 -11.10 -18.53 -24.00
N ASP B 247 -11.35 -19.04 -25.22
CA ASP B 247 -12.68 -19.49 -25.58
C ASP B 247 -13.14 -20.58 -24.64
N LEU B 248 -12.26 -21.58 -24.42
CA LEU B 248 -12.59 -22.64 -23.48
C LEU B 248 -12.98 -22.06 -22.12
N ALA B 249 -12.19 -21.10 -21.63
CA ALA B 249 -12.40 -20.57 -20.28
C ALA B 249 -13.74 -19.85 -20.18
N LEU B 250 -14.07 -19.01 -21.16
CA LEU B 250 -15.31 -18.26 -21.09
C LEU B 250 -16.54 -19.14 -21.30
N LYS B 251 -16.38 -20.34 -21.88
CA LYS B 251 -17.52 -21.26 -21.86
C LYS B 251 -17.62 -22.01 -20.53
N GLN B 252 -16.49 -22.31 -19.91
CA GLN B 252 -16.48 -23.20 -18.74
C GLN B 252 -16.80 -22.47 -17.44
N VAL B 253 -16.65 -21.15 -17.41
CA VAL B 253 -16.86 -20.39 -16.20
C VAL B 253 -18.35 -20.33 -15.87
N LYS B 254 -18.65 -20.06 -14.59
CA LYS B 254 -19.97 -19.86 -13.99
C LYS B 254 -20.58 -18.55 -14.46
N SER B 255 -21.91 -18.51 -14.49
CA SER B 255 -22.63 -17.24 -14.62
C SER B 255 -22.12 -16.26 -13.56
N ASN B 256 -21.86 -15.03 -13.98
CA ASN B 256 -21.27 -14.03 -13.10
C ASN B 256 -19.93 -14.51 -12.52
N GLY B 257 -19.32 -15.49 -13.18
CA GLY B 257 -18.02 -15.99 -12.76
C GLY B 257 -16.85 -15.08 -13.11
N LEU B 258 -15.66 -15.58 -12.83
CA LEU B 258 -14.44 -14.81 -12.98
C LEU B 258 -13.44 -15.57 -13.85
N VAL B 259 -12.87 -14.89 -14.84
CA VAL B 259 -11.79 -15.43 -15.66
C VAL B 259 -10.63 -14.46 -15.58
N ILE B 260 -9.46 -14.97 -15.23
CA ILE B 260 -8.22 -14.19 -15.30
C ILE B 260 -7.39 -14.75 -16.45
N PRO B 261 -7.10 -13.98 -17.49
CA PRO B 261 -6.12 -14.43 -18.48
C PRO B 261 -4.73 -14.12 -17.98
N LEU B 262 -4.15 -15.06 -17.24
CA LEU B 262 -2.88 -14.84 -16.54
C LEU B 262 -1.66 -15.00 -17.44
N GLY B 263 -1.85 -15.50 -18.67
CA GLY B 263 -0.76 -15.71 -19.58
C GLY B 263 -0.63 -14.59 -20.60
N LEU B 264 0.52 -14.58 -21.28
CA LEU B 264 0.80 -13.69 -22.40
C LEU B 264 0.90 -14.47 -23.71
N GLY B 265 0.09 -15.52 -23.85
CA GLY B 265 0.16 -16.36 -25.03
C GLY B 265 -0.23 -15.66 -26.32
N SER B 266 -0.96 -14.56 -26.23
CA SER B 266 -1.38 -13.94 -27.45
C SER B 266 -1.66 -12.47 -27.12
N PRO B 267 -1.08 -11.53 -27.86
CA PRO B 267 -1.20 -10.11 -27.49
C PRO B 267 -2.60 -9.55 -27.68
N LYS B 268 -3.40 -10.13 -28.57
CA LYS B 268 -4.81 -9.78 -28.70
C LYS B 268 -5.64 -10.97 -28.22
N LEU B 269 -6.89 -10.70 -27.80
CA LEU B 269 -7.75 -11.77 -27.31
C LEU B 269 -9.22 -11.36 -27.47
N THR B 270 -10.02 -12.29 -27.99
CA THR B 270 -11.41 -12.05 -28.36
C THR B 270 -12.32 -12.86 -27.44
N PHE B 271 -13.47 -12.28 -27.08
CA PHE B 271 -14.48 -12.96 -26.29
C PHE B 271 -15.86 -12.74 -26.90
N ASP B 272 -16.75 -13.72 -26.69
CA ASP B 272 -18.14 -13.57 -27.08
C ASP B 272 -18.78 -12.51 -26.19
N GLN B 273 -19.20 -11.40 -26.81
CA GLN B 273 -19.77 -10.29 -26.06
C GLN B 273 -21.20 -10.58 -25.62
N ASN B 274 -21.98 -11.24 -26.48
CA ASN B 274 -23.34 -11.62 -26.10
C ASN B 274 -23.35 -12.37 -24.78
N ASP B 275 -22.48 -13.38 -24.67
CA ASP B 275 -22.41 -14.17 -23.45
C ASP B 275 -21.83 -13.37 -22.28
N LEU B 276 -20.71 -12.69 -22.52
CA LEU B 276 -20.11 -11.89 -21.45
C LEU B 276 -21.14 -11.00 -20.81
N LEU B 277 -21.98 -10.37 -21.63
CA LEU B 277 -22.99 -9.44 -21.14
C LEU B 277 -24.11 -10.19 -20.41
N VAL B 278 -24.71 -11.19 -21.06
CA VAL B 278 -25.90 -11.80 -20.47
C VAL B 278 -25.57 -12.56 -19.18
N ARG B 279 -24.35 -13.07 -19.05
CA ARG B 279 -23.96 -13.81 -17.85
C ARG B 279 -23.06 -12.99 -16.95
N GLU B 280 -22.96 -11.68 -17.19
CA GLU B 280 -22.21 -10.77 -16.34
C GLU B 280 -20.84 -11.33 -15.97
N ILE B 281 -20.18 -11.93 -16.95
CA ILE B 281 -18.83 -12.45 -16.77
C ILE B 281 -17.87 -11.32 -16.42
N ARG B 282 -16.84 -11.65 -15.64
CA ARG B 282 -15.78 -10.72 -15.28
C ARG B 282 -14.45 -11.26 -15.78
N ILE B 283 -13.76 -10.48 -16.60
CA ILE B 283 -12.38 -10.74 -16.98
C ILE B 283 -11.51 -9.72 -16.27
N LEU B 284 -10.52 -10.19 -15.51
CA LEU B 284 -9.68 -9.32 -14.70
C LEU B 284 -8.22 -9.48 -15.13
N GLY B 285 -7.59 -8.37 -15.49
CA GLY B 285 -6.15 -8.38 -15.66
C GLY B 285 -5.45 -8.62 -14.32
N SER B 286 -4.40 -9.44 -14.37
CA SER B 286 -3.50 -9.64 -13.23
C SER B 286 -2.05 -9.60 -13.71
N PHE B 287 -1.22 -8.81 -13.02
CA PHE B 287 0.17 -8.55 -13.40
C PHE B 287 1.08 -8.75 -12.20
N TRP B 288 2.03 -9.68 -12.35
CA TRP B 288 3.06 -9.96 -11.34
C TRP B 288 2.39 -10.10 -9.97
N GLY B 289 2.91 -9.45 -8.92
CA GLY B 289 2.31 -9.36 -7.61
C GLY B 289 3.00 -8.24 -6.86
N THR B 290 2.41 -7.84 -5.74
CA THR B 290 2.90 -6.70 -4.97
C THR B 290 3.98 -7.15 -3.99
N SER B 291 4.62 -6.18 -3.32
CA SER B 291 5.69 -6.57 -2.41
C SER B 291 5.14 -7.18 -1.12
N LEU B 292 3.94 -6.75 -0.68
CA LEU B 292 3.25 -7.46 0.40
C LEU B 292 3.04 -8.92 0.01
N ASP B 293 2.50 -9.15 -1.19
CA ASP B 293 2.38 -10.50 -1.71
C ASP B 293 3.69 -11.26 -1.64
N GLN B 294 4.82 -10.60 -1.97
CA GLN B 294 6.11 -11.27 -1.94
C GLN B 294 6.47 -11.70 -0.53
N ALA B 295 6.29 -10.80 0.45
CA ALA B 295 6.53 -11.16 1.84
C ALA B 295 5.71 -12.39 2.22
N GLU B 296 4.45 -12.41 1.79
CA GLU B 296 3.56 -13.53 2.15
C GLU B 296 4.01 -14.84 1.51
N VAL B 297 4.31 -14.82 0.21
CA VAL B 297 4.68 -16.06 -0.45
C VAL B 297 5.99 -16.58 0.10
N PHE B 298 6.93 -15.69 0.44
CA PHE B 298 8.17 -16.20 1.03
C PHE B 298 7.90 -16.83 2.38
N ASP B 299 7.00 -16.23 3.16
CA ASP B 299 6.57 -16.85 4.41
C ASP B 299 6.05 -18.26 4.16
N LEU B 300 5.22 -18.41 3.14
CA LEU B 300 4.62 -19.72 2.87
C LEU B 300 5.60 -20.70 2.26
N VAL B 301 6.60 -20.22 1.53
CA VAL B 301 7.62 -21.12 1.03
C VAL B 301 8.51 -21.59 2.18
N LYS B 302 8.83 -20.71 3.14
CA LYS B 302 9.50 -21.14 4.36
C LYS B 302 8.65 -22.15 5.11
N SER B 303 7.34 -21.97 5.09
CA SER B 303 6.44 -22.85 5.83
C SER B 303 6.21 -24.17 5.12
N GLY B 304 6.83 -24.41 3.97
CA GLY B 304 6.58 -25.62 3.22
C GLY B 304 5.20 -25.71 2.59
N ALA B 305 4.36 -24.70 2.75
CA ALA B 305 3.06 -24.68 2.08
C ALA B 305 3.23 -24.58 0.57
N PHE B 306 3.90 -23.53 0.12
CA PHE B 306 4.35 -23.46 -1.27
C PHE B 306 5.69 -24.18 -1.39
N LYS B 307 5.77 -25.19 -2.27
CA LYS B 307 7.00 -25.93 -2.54
C LYS B 307 7.35 -25.82 -4.03
N PRO B 308 8.05 -24.76 -4.43
CA PRO B 308 8.30 -24.54 -5.87
C PRO B 308 9.14 -25.66 -6.46
N GLN B 309 8.99 -25.85 -7.78
CA GLN B 309 9.60 -26.96 -8.51
C GLN B 309 10.56 -26.41 -9.56
N VAL B 310 11.79 -26.18 -9.15
CA VAL B 310 12.79 -25.56 -10.01
C VAL B 310 13.85 -26.59 -10.38
N GLU B 311 14.55 -26.33 -11.48
CA GLU B 311 15.74 -27.09 -11.85
C GLU B 311 16.86 -26.12 -12.20
N THR B 312 18.08 -26.49 -11.81
CA THR B 312 19.24 -25.66 -12.07
C THR B 312 19.79 -25.93 -13.48
N GLY B 313 20.50 -24.93 -14.00
CA GLY B 313 21.12 -25.01 -15.32
C GLY B 313 22.29 -24.08 -15.42
N LYS B 314 23.01 -24.17 -16.55
CA LYS B 314 24.20 -23.35 -16.76
C LYS B 314 23.82 -21.99 -17.34
N PHE B 315 24.29 -20.93 -16.69
CA PHE B 315 24.26 -19.58 -17.24
C PHE B 315 24.67 -19.56 -18.71
N LYS B 316 25.83 -20.16 -19.02
CA LYS B 316 26.33 -20.19 -20.40
C LYS B 316 25.33 -20.83 -21.37
N ASP B 317 24.41 -21.65 -20.90
CA ASP B 317 23.47 -22.37 -21.75
C ASP B 317 22.12 -21.65 -21.90
N LEU B 318 22.00 -20.44 -21.35
CA LEU B 318 20.72 -19.74 -21.38
C LEU B 318 20.00 -19.86 -22.72
N ASN B 319 20.68 -19.45 -23.80
CA ASN B 319 20.07 -19.48 -25.12
C ASN B 319 19.52 -20.86 -25.46
N GLU B 320 20.37 -21.89 -25.33
CA GLU B 320 19.90 -23.24 -25.58
C GLU B 320 18.71 -23.55 -24.70
N ILE B 321 18.79 -23.19 -23.41
CA ILE B 321 17.68 -23.43 -22.50
C ILE B 321 16.41 -22.78 -23.03
N LEU B 322 16.53 -21.53 -23.50
CA LEU B 322 15.36 -20.83 -24.03
C LEU B 322 14.77 -21.59 -25.21
N GLU B 323 15.63 -22.16 -26.07
CA GLU B 323 15.15 -22.99 -27.16
C GLU B 323 14.27 -24.12 -26.62
N LYS B 324 14.75 -24.85 -25.62
CA LYS B 324 13.92 -25.95 -25.14
C LYS B 324 12.69 -25.46 -24.42
N LEU B 325 12.64 -24.20 -23.97
CA LEU B 325 11.39 -23.71 -23.42
C LEU B 325 10.36 -23.53 -24.53
N GLU B 326 10.79 -23.03 -25.70
CA GLU B 326 9.79 -22.76 -26.74
C GLU B 326 9.18 -24.07 -27.24
N LYS B 327 10.01 -25.10 -27.42
CA LYS B 327 9.45 -26.40 -27.79
C LYS B 327 8.82 -27.12 -26.60
N GLY B 328 8.82 -26.49 -25.42
CA GLY B 328 8.15 -27.04 -24.26
C GLY B 328 8.74 -28.36 -23.80
N GLN B 329 10.06 -28.41 -23.68
CA GLN B 329 10.74 -29.61 -23.21
C GLN B 329 11.36 -29.39 -21.83
N ILE B 330 10.66 -28.63 -20.99
CA ILE B 330 11.10 -28.35 -19.62
C ILE B 330 9.97 -28.73 -18.68
N LYS B 331 10.30 -29.52 -17.65
CA LYS B 331 9.30 -30.12 -16.77
C LYS B 331 8.51 -29.04 -16.06
N SER B 332 9.16 -28.33 -15.14
CA SER B 332 8.59 -27.09 -14.60
C SER B 332 9.60 -25.99 -14.86
N ARG B 333 9.75 -25.03 -13.97
CA ARG B 333 10.59 -23.89 -14.28
C ARG B 333 12.08 -24.25 -14.26
N LEU B 334 12.89 -23.40 -14.86
CA LEU B 334 14.34 -23.59 -14.88
C LEU B 334 15.04 -22.32 -14.41
N VAL B 335 16.19 -22.49 -13.76
CA VAL B 335 16.93 -21.36 -13.19
C VAL B 335 18.40 -21.49 -13.54
N LEU B 336 18.96 -20.41 -14.06
CA LEU B 336 20.39 -20.34 -14.31
C LEU B 336 21.15 -20.19 -13.01
N THR B 337 22.24 -20.97 -12.89
CA THR B 337 23.21 -20.89 -11.80
C THR B 337 24.63 -21.01 -12.39
N ASP B 338 25.62 -20.97 -11.50
CA ASP B 338 27.04 -21.08 -11.88
C ASP B 338 27.40 -19.98 -12.89
N PHE B 339 27.32 -18.75 -12.41
CA PHE B 339 27.54 -17.59 -13.27
C PHE B 339 29.01 -17.40 -13.63
N ASP B 340 29.93 -17.93 -12.81
CA ASP B 340 31.36 -17.83 -13.06
C ASP B 340 31.86 -18.84 -14.10
N ASP B 341 30.96 -19.49 -14.86
CA ASP B 341 31.33 -20.43 -15.92
C ASP B 341 31.28 -19.78 -17.30
N ILE B 342 31.54 -18.48 -17.38
CA ILE B 342 31.42 -17.73 -18.63
C ILE B 342 32.71 -17.81 -19.42
#